data_2M7T
#
_entry.id   2M7T
#
_entity_poly.entity_id   1
_entity_poly.type   'polypeptide(L)'
_entity_poly.pdbx_seq_one_letter_code
;GCPQGRGDWAPTSCSQDSDCLAGCVCGPNGFCG
;
_entity_poly.pdbx_strand_id   A
#
# COMPACT_ATOMS: atom_id res chain seq x y z
N GLY A 1 -2.15 1.29 -10.88
CA GLY A 1 -1.89 0.42 -9.79
C GLY A 1 -3.10 0.38 -8.86
N CYS A 2 -3.05 -0.37 -7.77
CA CYS A 2 -4.16 -0.51 -6.82
C CYS A 2 -4.46 0.77 -6.04
N PRO A 3 -5.68 0.95 -5.52
CA PRO A 3 -6.02 2.23 -4.86
C PRO A 3 -5.45 2.37 -3.45
N GLN A 4 -4.14 2.51 -3.37
CA GLN A 4 -3.43 2.80 -2.16
C GLN A 4 -2.61 4.05 -2.35
N GLY A 5 -2.88 4.78 -3.42
CA GLY A 5 -2.16 6.03 -3.64
C GLY A 5 -2.90 7.00 -4.50
N ARG A 6 -4.13 7.26 -4.15
CA ARG A 6 -4.94 8.24 -4.87
C ARG A 6 -5.19 9.41 -3.92
N GLY A 7 -5.86 10.44 -4.45
CA GLY A 7 -6.12 11.62 -3.64
C GLY A 7 -6.74 11.33 -2.30
N ASP A 8 -7.89 10.66 -2.28
CA ASP A 8 -8.58 10.37 -1.00
C ASP A 8 -8.32 8.90 -0.57
N TRP A 9 -7.36 8.26 -1.20
CA TRP A 9 -6.99 6.88 -0.82
C TRP A 9 -5.58 6.93 -0.33
N ALA A 10 -5.45 7.38 0.90
CA ALA A 10 -4.15 7.48 1.55
C ALA A 10 -3.65 6.02 1.75
N PRO A 11 -2.33 5.84 1.76
CA PRO A 11 -1.87 4.44 1.85
C PRO A 11 -2.05 3.79 3.19
N THR A 12 -1.92 2.47 3.22
CA THR A 12 -2.08 1.70 4.46
C THR A 12 -0.69 1.35 5.08
N SER A 13 -0.48 1.66 6.34
CA SER A 13 0.79 1.38 6.99
C SER A 13 0.92 -0.13 7.05
N CYS A 14 2.08 -0.61 6.66
CA CYS A 14 2.32 -2.04 6.62
C CYS A 14 3.76 -2.37 7.08
N SER A 15 3.98 -3.67 7.26
CA SER A 15 5.31 -4.22 7.61
C SER A 15 5.64 -5.35 6.61
N GLN A 16 4.65 -5.82 5.89
CA GLN A 16 4.84 -6.87 4.88
C GLN A 16 3.82 -6.71 3.78
N ASP A 17 4.07 -7.36 2.66
CA ASP A 17 3.15 -7.36 1.51
C ASP A 17 1.79 -7.94 1.83
N SER A 18 1.72 -8.89 2.77
CA SER A 18 0.42 -9.48 3.14
C SER A 18 -0.53 -8.43 3.75
N ASP A 19 0.01 -7.34 4.29
CA ASP A 19 -0.85 -6.28 4.83
C ASP A 19 -1.56 -5.50 3.70
N CYS A 20 -1.18 -5.71 2.46
CA CYS A 20 -1.67 -4.91 1.35
C CYS A 20 -2.68 -5.65 0.40
N LEU A 21 -3.29 -4.89 -0.49
CA LEU A 21 -4.19 -5.47 -1.44
C LEU A 21 -3.40 -6.31 -2.48
N ALA A 22 -4.11 -7.09 -3.24
CA ALA A 22 -3.46 -7.92 -4.25
C ALA A 22 -2.67 -7.14 -5.30
N GLY A 23 -1.41 -7.50 -5.52
CA GLY A 23 -0.60 -6.85 -6.55
C GLY A 23 0.14 -5.62 -6.02
N CYS A 24 -0.18 -5.24 -4.76
CA CYS A 24 0.43 -4.12 -4.09
C CYS A 24 1.46 -4.72 -3.16
N VAL A 25 2.47 -3.94 -2.81
CA VAL A 25 3.59 -4.37 -1.95
C VAL A 25 3.75 -3.36 -0.83
N CYS A 26 4.53 -3.73 0.17
CA CYS A 26 4.86 -2.80 1.24
C CYS A 26 6.12 -2.05 0.75
N GLY A 27 5.97 -0.75 0.54
CA GLY A 27 7.05 0.04 -0.04
C GLY A 27 8.12 0.44 0.98
N PRO A 28 9.17 1.17 0.58
CA PRO A 28 10.20 1.54 1.55
C PRO A 28 9.74 2.65 2.49
N ASN A 29 8.63 3.25 2.10
CA ASN A 29 7.95 4.29 2.88
C ASN A 29 7.12 3.65 4.04
N GLY A 30 7.04 2.32 4.04
CA GLY A 30 6.38 1.61 5.12
C GLY A 30 4.88 1.61 4.99
N PHE A 31 4.50 1.81 3.76
CA PHE A 31 3.11 1.96 3.35
C PHE A 31 2.85 1.05 2.16
N CYS A 32 1.63 0.58 2.02
CA CYS A 32 1.20 -0.21 0.86
C CYS A 32 1.22 0.66 -0.40
N GLY A 33 1.52 0.02 -1.53
CA GLY A 33 1.53 0.73 -2.81
C GLY A 33 1.89 -0.15 -3.94
N GLY A 1 -0.79 -0.91 -10.60
CA GLY A 1 -0.96 -0.22 -9.34
C GLY A 1 -2.29 -0.60 -8.72
N CYS A 2 -2.62 -0.06 -7.53
CA CYS A 2 -3.87 -0.35 -6.81
C CYS A 2 -4.31 0.89 -6.03
N PRO A 3 -5.55 0.99 -5.56
CA PRO A 3 -5.93 2.26 -4.89
C PRO A 3 -5.42 2.43 -3.45
N GLN A 4 -4.11 2.59 -3.34
CA GLN A 4 -3.45 2.89 -2.09
C GLN A 4 -2.69 4.18 -2.26
N GLY A 5 -2.86 4.84 -3.39
CA GLY A 5 -2.19 6.12 -3.63
C GLY A 5 -2.93 7.04 -4.55
N ARG A 6 -4.16 7.31 -4.20
CA ARG A 6 -5.01 8.17 -5.01
C ARG A 6 -5.32 9.40 -4.14
N GLY A 7 -6.27 10.25 -4.59
CA GLY A 7 -6.59 11.44 -3.83
C GLY A 7 -7.09 11.10 -2.43
N ASP A 8 -8.29 10.55 -2.31
CA ASP A 8 -8.85 10.23 -0.98
C ASP A 8 -8.40 8.83 -0.50
N TRP A 9 -7.54 8.18 -1.27
CA TRP A 9 -7.05 6.87 -0.89
C TRP A 9 -5.65 7.04 -0.39
N ALA A 10 -5.59 7.42 0.88
CA ALA A 10 -4.33 7.54 1.58
C ALA A 10 -3.82 6.10 1.77
N PRO A 11 -2.48 5.94 1.83
CA PRO A 11 -2.01 4.55 1.93
C PRO A 11 -2.20 3.90 3.27
N THR A 12 -2.05 2.58 3.31
CA THR A 12 -2.17 1.82 4.56
C THR A 12 -0.77 1.45 5.10
N SER A 13 -0.47 1.74 6.35
CA SER A 13 0.85 1.46 6.89
C SER A 13 0.94 -0.07 6.99
N CYS A 14 2.10 -0.58 6.66
CA CYS A 14 2.29 -2.02 6.60
C CYS A 14 3.73 -2.38 7.04
N SER A 15 3.95 -3.67 7.25
CA SER A 15 5.27 -4.23 7.61
C SER A 15 5.57 -5.42 6.70
N GLN A 16 4.63 -5.84 5.88
CA GLN A 16 4.80 -6.96 4.95
C GLN A 16 3.84 -6.78 3.79
N ASP A 17 4.11 -7.44 2.67
CA ASP A 17 3.22 -7.40 1.50
C ASP A 17 1.87 -8.00 1.78
N SER A 18 1.82 -8.96 2.71
CA SER A 18 0.55 -9.62 3.06
C SER A 18 -0.46 -8.63 3.69
N ASP A 19 0.01 -7.50 4.22
CA ASP A 19 -0.88 -6.49 4.79
C ASP A 19 -1.65 -5.74 3.66
N CYS A 20 -1.13 -5.77 2.45
CA CYS A 20 -1.65 -4.94 1.39
C CYS A 20 -2.69 -5.61 0.44
N LEU A 21 -3.27 -4.82 -0.45
CA LEU A 21 -4.19 -5.37 -1.42
C LEU A 21 -3.42 -6.19 -2.45
N ALA A 22 -4.14 -6.97 -3.23
CA ALA A 22 -3.54 -7.81 -4.25
C ALA A 22 -2.85 -7.01 -5.35
N GLY A 23 -1.59 -7.33 -5.66
CA GLY A 23 -0.88 -6.64 -6.73
C GLY A 23 -0.13 -5.41 -6.22
N CYS A 24 -0.19 -5.21 -4.88
CA CYS A 24 0.47 -4.15 -4.20
C CYS A 24 1.52 -4.80 -3.35
N VAL A 25 2.48 -4.02 -2.86
CA VAL A 25 3.56 -4.48 -1.96
C VAL A 25 3.70 -3.47 -0.83
N CYS A 26 4.50 -3.81 0.17
CA CYS A 26 4.80 -2.86 1.22
C CYS A 26 6.05 -2.11 0.74
N GLY A 27 5.96 -0.78 0.63
CA GLY A 27 7.03 0.00 0.04
C GLY A 27 8.10 0.45 1.04
N PRO A 28 9.14 1.21 0.60
CA PRO A 28 10.18 1.63 1.53
C PRO A 28 9.74 2.82 2.42
N ASN A 29 8.64 3.41 2.01
CA ASN A 29 7.94 4.46 2.78
C ASN A 29 7.17 3.84 3.99
N GLY A 30 7.06 2.52 3.98
CA GLY A 30 6.43 1.82 5.09
C GLY A 30 4.94 1.73 4.96
N PHE A 31 4.52 1.96 3.74
CA PHE A 31 3.12 2.04 3.36
C PHE A 31 2.89 1.11 2.18
N CYS A 32 1.68 0.58 2.07
CA CYS A 32 1.26 -0.21 0.89
C CYS A 32 1.30 0.64 -0.37
N GLY A 33 1.58 0.02 -1.50
CA GLY A 33 1.58 0.73 -2.78
C GLY A 33 1.96 -0.18 -3.88
N GLY A 1 -2.59 0.45 -10.89
CA GLY A 1 -2.31 -0.10 -9.60
C GLY A 1 -3.54 -0.08 -8.71
N CYS A 2 -3.46 -0.57 -7.48
CA CYS A 2 -4.60 -0.59 -6.55
C CYS A 2 -4.88 0.76 -5.88
N PRO A 3 -6.08 0.97 -5.31
CA PRO A 3 -6.35 2.31 -4.72
C PRO A 3 -5.71 2.53 -3.32
N GLN A 4 -4.40 2.57 -3.33
CA GLN A 4 -3.61 2.92 -2.15
C GLN A 4 -2.79 4.15 -2.46
N GLY A 5 -2.91 4.64 -3.68
CA GLY A 5 -2.17 5.83 -4.08
C GLY A 5 -2.97 6.83 -4.88
N ARG A 6 -4.13 7.18 -4.36
CA ARG A 6 -5.00 8.14 -5.04
C ARG A 6 -5.13 9.36 -4.12
N GLY A 7 -5.76 10.42 -4.65
CA GLY A 7 -5.93 11.62 -3.87
C GLY A 7 -6.66 11.38 -2.56
N ASP A 8 -7.81 10.72 -2.58
CA ASP A 8 -8.58 10.46 -1.35
C ASP A 8 -8.27 9.05 -0.77
N TRP A 9 -7.23 8.41 -1.27
CA TRP A 9 -6.86 7.08 -0.77
C TRP A 9 -5.45 7.15 -0.33
N ALA A 10 -5.31 7.61 0.91
CA ALA A 10 -4.02 7.67 1.58
C ALA A 10 -3.60 6.18 1.79
N PRO A 11 -2.29 5.90 1.76
CA PRO A 11 -1.93 4.47 1.89
C PRO A 11 -2.08 3.85 3.26
N THR A 12 -2.01 2.53 3.30
CA THR A 12 -2.12 1.80 4.57
C THR A 12 -0.72 1.46 5.13
N SER A 13 -0.43 1.75 6.37
CA SER A 13 0.87 1.44 6.94
C SER A 13 0.94 -0.06 7.06
N CYS A 14 2.09 -0.60 6.72
CA CYS A 14 2.25 -2.04 6.69
C CYS A 14 3.65 -2.43 7.20
N SER A 15 3.82 -3.73 7.39
CA SER A 15 5.13 -4.30 7.80
C SER A 15 5.54 -5.36 6.77
N GLN A 16 4.63 -5.82 5.97
CA GLN A 16 4.88 -6.86 4.97
C GLN A 16 3.91 -6.67 3.81
N ASP A 17 4.25 -7.25 2.67
CA ASP A 17 3.39 -7.23 1.45
C ASP A 17 2.03 -7.80 1.70
N SER A 18 1.93 -8.82 2.54
CA SER A 18 0.65 -9.46 2.80
C SER A 18 -0.37 -8.56 3.52
N ASP A 19 0.10 -7.44 4.09
CA ASP A 19 -0.83 -6.48 4.71
C ASP A 19 -1.52 -5.64 3.61
N CYS A 20 -1.09 -5.76 2.37
CA CYS A 20 -1.60 -4.92 1.30
C CYS A 20 -2.58 -5.64 0.33
N LEU A 21 -3.19 -4.88 -0.57
CA LEU A 21 -4.13 -5.44 -1.49
C LEU A 21 -3.43 -6.32 -2.54
N ALA A 22 -4.22 -7.09 -3.27
CA ALA A 22 -3.72 -7.98 -4.30
C ALA A 22 -2.87 -7.28 -5.38
N GLY A 23 -1.59 -7.68 -5.50
CA GLY A 23 -0.74 -7.15 -6.56
C GLY A 23 0.01 -5.90 -6.12
N CYS A 24 -0.26 -5.48 -4.87
CA CYS A 24 0.36 -4.32 -4.26
C CYS A 24 1.35 -4.90 -3.26
N VAL A 25 2.32 -4.09 -2.87
CA VAL A 25 3.43 -4.51 -1.96
C VAL A 25 3.57 -3.50 -0.85
N CYS A 26 4.41 -3.80 0.14
CA CYS A 26 4.71 -2.84 1.21
C CYS A 26 6.02 -2.11 0.78
N GLY A 27 5.92 -0.81 0.52
CA GLY A 27 7.04 -0.06 -0.01
C GLY A 27 8.04 0.41 1.03
N PRO A 28 9.15 1.04 0.64
CA PRO A 28 10.15 1.45 1.61
C PRO A 28 9.75 2.68 2.43
N ASN A 29 8.70 3.32 1.97
CA ASN A 29 8.07 4.45 2.70
C ASN A 29 7.26 3.93 3.91
N GLY A 30 7.08 2.62 3.98
CA GLY A 30 6.48 1.98 5.13
C GLY A 30 4.99 1.84 5.00
N PHE A 31 4.59 1.95 3.76
CA PHE A 31 3.18 1.97 3.39
C PHE A 31 2.93 1.08 2.18
N CYS A 32 1.72 0.58 2.06
CA CYS A 32 1.27 -0.18 0.88
C CYS A 32 1.35 0.69 -0.37
N GLY A 33 1.64 0.05 -1.47
CA GLY A 33 1.74 0.73 -2.76
C GLY A 33 2.24 -0.20 -3.81
N GLY A 1 -2.93 0.79 -10.97
CA GLY A 1 -2.48 0.34 -9.68
C GLY A 1 -3.64 0.28 -8.68
N CYS A 2 -3.53 -0.43 -7.58
CA CYS A 2 -4.60 -0.59 -6.61
C CYS A 2 -4.90 0.69 -5.84
N PRO A 3 -6.10 0.81 -5.23
CA PRO A 3 -6.44 2.08 -4.54
C PRO A 3 -5.77 2.26 -3.16
N GLN A 4 -4.46 2.31 -3.17
CA GLN A 4 -3.64 2.62 -2.03
C GLN A 4 -2.83 3.83 -2.43
N GLY A 5 -3.37 4.58 -3.38
CA GLY A 5 -2.70 5.80 -3.81
C GLY A 5 -3.57 6.64 -4.70
N ARG A 6 -4.59 7.20 -4.09
CA ARG A 6 -5.56 8.04 -4.81
C ARG A 6 -5.77 9.32 -4.02
N GLY A 7 -6.67 10.19 -4.52
CA GLY A 7 -6.95 11.41 -3.80
C GLY A 7 -7.41 11.16 -2.36
N ASP A 8 -8.51 10.45 -2.17
CA ASP A 8 -9.07 10.24 -0.82
C ASP A 8 -8.66 8.85 -0.26
N TRP A 9 -7.69 8.21 -0.88
CA TRP A 9 -7.22 6.89 -0.40
C TRP A 9 -5.78 7.05 -0.07
N ALA A 10 -5.56 7.44 1.17
CA ALA A 10 -4.21 7.56 1.73
C ALA A 10 -3.72 6.10 1.84
N PRO A 11 -2.40 5.90 1.74
CA PRO A 11 -1.96 4.48 1.86
C PRO A 11 -2.08 3.90 3.21
N THR A 12 -2.01 2.58 3.29
CA THR A 12 -2.06 1.88 4.57
C THR A 12 -0.63 1.51 5.08
N SER A 13 -0.30 1.81 6.31
CA SER A 13 1.01 1.49 6.84
C SER A 13 1.04 -0.02 6.99
N CYS A 14 2.16 -0.59 6.64
CA CYS A 14 2.29 -2.03 6.64
C CYS A 14 3.71 -2.45 7.15
N SER A 15 3.87 -3.76 7.33
CA SER A 15 5.15 -4.37 7.76
C SER A 15 5.45 -5.56 6.84
N GLN A 16 4.49 -5.99 6.05
CA GLN A 16 4.67 -7.09 5.08
C GLN A 16 3.75 -6.84 3.91
N ASP A 17 4.07 -7.41 2.75
CA ASP A 17 3.24 -7.29 1.54
C ASP A 17 1.86 -7.81 1.77
N SER A 18 1.73 -8.87 2.59
CA SER A 18 0.41 -9.50 2.80
C SER A 18 -0.58 -8.53 3.45
N ASP A 19 -0.09 -7.49 4.15
CA ASP A 19 -1.00 -6.48 4.72
C ASP A 19 -1.73 -5.75 3.57
N CYS A 20 -1.10 -5.68 2.41
CA CYS A 20 -1.63 -4.89 1.33
C CYS A 20 -2.62 -5.63 0.40
N LEU A 21 -3.19 -4.94 -0.56
CA LEU A 21 -4.07 -5.55 -1.48
C LEU A 21 -3.27 -6.34 -2.53
N ALA A 22 -3.96 -7.16 -3.28
CA ALA A 22 -3.34 -7.93 -4.33
C ALA A 22 -2.75 -7.06 -5.45
N GLY A 23 -1.47 -7.25 -5.75
CA GLY A 23 -0.83 -6.51 -6.82
C GLY A 23 -0.01 -5.36 -6.26
N CYS A 24 -0.16 -5.13 -4.93
CA CYS A 24 0.47 -4.05 -4.22
C CYS A 24 1.45 -4.67 -3.26
N VAL A 25 2.45 -3.89 -2.84
CA VAL A 25 3.54 -4.35 -1.95
C VAL A 25 3.74 -3.36 -0.81
N CYS A 26 4.51 -3.74 0.22
CA CYS A 26 4.82 -2.81 1.31
C CYS A 26 6.09 -2.06 0.88
N GLY A 27 5.92 -0.76 0.59
CA GLY A 27 7.00 0.04 0.04
C GLY A 27 8.03 0.45 1.08
N PRO A 28 9.14 1.09 0.69
CA PRO A 28 10.15 1.49 1.66
C PRO A 28 9.77 2.73 2.51
N ASN A 29 8.75 3.41 2.03
CA ASN A 29 8.12 4.52 2.78
C ASN A 29 7.35 3.96 4.01
N GLY A 30 7.11 2.65 3.97
CA GLY A 30 6.47 1.95 5.09
C GLY A 30 5.00 1.78 4.90
N PHE A 31 4.61 1.95 3.65
CA PHE A 31 3.20 1.95 3.26
C PHE A 31 2.92 1.07 2.06
N CYS A 32 1.72 0.55 1.98
CA CYS A 32 1.24 -0.22 0.82
C CYS A 32 1.27 0.64 -0.44
N GLY A 33 1.59 0.01 -1.56
CA GLY A 33 1.64 0.70 -2.83
C GLY A 33 2.21 -0.16 -3.90
N GLY A 1 -0.80 -0.21 -10.01
CA GLY A 1 -1.24 0.55 -8.87
C GLY A 1 -2.59 0.03 -8.41
N CYS A 2 -3.00 0.39 -7.18
CA CYS A 2 -4.28 -0.08 -6.57
C CYS A 2 -4.87 1.10 -5.77
N PRO A 3 -6.07 0.99 -5.17
CA PRO A 3 -6.56 2.16 -4.38
C PRO A 3 -5.86 2.35 -3.01
N GLN A 4 -4.55 2.35 -3.04
CA GLN A 4 -3.68 2.70 -1.92
C GLN A 4 -2.81 3.83 -2.38
N GLY A 5 -2.95 4.23 -3.63
CA GLY A 5 -2.13 5.31 -4.17
C GLY A 5 -2.84 6.24 -5.13
N ARG A 6 -4.00 6.74 -4.73
CA ARG A 6 -4.78 7.64 -5.58
C ARG A 6 -4.94 8.96 -4.82
N GLY A 7 -5.56 9.93 -5.50
CA GLY A 7 -5.70 11.26 -4.92
C GLY A 7 -6.35 11.29 -3.54
N ASP A 8 -7.47 10.61 -3.36
CA ASP A 8 -8.16 10.59 -2.05
C ASP A 8 -7.89 9.25 -1.34
N TRP A 9 -7.03 8.42 -1.89
CA TRP A 9 -6.78 7.09 -1.31
C TRP A 9 -5.37 7.07 -0.79
N ALA A 10 -5.26 7.57 0.43
CA ALA A 10 -4.00 7.61 1.15
C ALA A 10 -3.60 6.12 1.46
N PRO A 11 -2.29 5.87 1.57
CA PRO A 11 -1.89 4.46 1.78
C PRO A 11 -2.09 3.91 3.17
N THR A 12 -1.96 2.59 3.31
CA THR A 12 -2.10 1.92 4.61
C THR A 12 -0.70 1.49 5.15
N SER A 13 -0.40 1.77 6.39
CA SER A 13 0.90 1.46 6.97
C SER A 13 0.98 -0.06 7.06
N CYS A 14 2.12 -0.59 6.68
CA CYS A 14 2.34 -2.02 6.64
C CYS A 14 3.77 -2.38 7.11
N SER A 15 3.97 -3.68 7.30
CA SER A 15 5.28 -4.26 7.67
C SER A 15 5.61 -5.40 6.69
N GLN A 16 4.63 -5.87 5.94
CA GLN A 16 4.82 -6.98 4.97
C GLN A 16 3.86 -6.78 3.82
N ASP A 17 4.16 -7.39 2.69
CA ASP A 17 3.29 -7.31 1.49
C ASP A 17 1.94 -7.90 1.75
N SER A 18 1.83 -8.90 2.64
CA SER A 18 0.53 -9.54 2.91
C SER A 18 -0.45 -8.56 3.58
N ASP A 19 0.05 -7.45 4.14
CA ASP A 19 -0.84 -6.45 4.72
C ASP A 19 -1.58 -5.67 3.59
N CYS A 20 -1.11 -5.77 2.37
CA CYS A 20 -1.63 -4.96 1.28
C CYS A 20 -2.66 -5.66 0.36
N LEU A 21 -3.22 -4.92 -0.58
CA LEU A 21 -4.16 -5.48 -1.51
C LEU A 21 -3.42 -6.29 -2.61
N ALA A 22 -4.17 -7.01 -3.41
CA ALA A 22 -3.61 -7.82 -4.47
C ALA A 22 -2.89 -6.98 -5.56
N GLY A 23 -1.60 -7.27 -5.77
CA GLY A 23 -0.83 -6.60 -6.81
C GLY A 23 -0.06 -5.41 -6.28
N CYS A 24 -0.20 -5.17 -4.95
CA CYS A 24 0.45 -4.10 -4.24
C CYS A 24 1.44 -4.72 -3.26
N VAL A 25 2.41 -3.93 -2.84
CA VAL A 25 3.50 -4.38 -1.93
C VAL A 25 3.68 -3.39 -0.81
N CYS A 26 4.47 -3.73 0.20
CA CYS A 26 4.80 -2.80 1.28
C CYS A 26 6.06 -2.02 0.84
N GLY A 27 5.89 -0.71 0.56
CA GLY A 27 6.97 0.08 0.01
C GLY A 27 8.06 0.46 1.01
N PRO A 28 9.13 1.16 0.59
CA PRO A 28 10.21 1.52 1.51
C PRO A 28 9.87 2.68 2.45
N ASN A 29 8.74 3.29 2.13
CA ASN A 29 8.12 4.32 2.98
C ASN A 29 7.35 3.66 4.17
N GLY A 30 7.14 2.35 4.07
CA GLY A 30 6.47 1.61 5.11
C GLY A 30 4.98 1.56 4.95
N PHE A 31 4.56 1.80 3.73
CA PHE A 31 3.16 1.91 3.37
C PHE A 31 2.86 1.08 2.13
N CYS A 32 1.66 0.55 2.08
CA CYS A 32 1.19 -0.22 0.92
C CYS A 32 1.08 0.63 -0.34
N GLY A 33 1.36 0.01 -1.48
CA GLY A 33 1.18 0.67 -2.76
C GLY A 33 1.40 -0.28 -3.88
N GLY A 1 -1.93 0.88 -10.63
CA GLY A 1 -1.72 0.26 -9.35
C GLY A 1 -3.03 0.24 -8.56
N CYS A 2 -3.09 -0.40 -7.40
CA CYS A 2 -4.30 -0.44 -6.58
C CYS A 2 -4.54 0.88 -5.89
N PRO A 3 -5.75 1.15 -5.40
CA PRO A 3 -5.99 2.47 -4.78
C PRO A 3 -5.42 2.62 -3.35
N GLN A 4 -4.12 2.73 -3.29
CA GLN A 4 -3.39 3.02 -2.07
C GLN A 4 -2.48 4.19 -2.39
N GLY A 5 -2.94 5.03 -3.31
CA GLY A 5 -2.16 6.21 -3.64
C GLY A 5 -2.89 7.19 -4.50
N ARG A 6 -4.09 7.52 -4.08
CA ARG A 6 -4.94 8.44 -4.84
C ARG A 6 -5.29 9.62 -3.95
N GLY A 7 -5.96 10.61 -4.55
CA GLY A 7 -6.32 11.80 -3.82
C GLY A 7 -7.03 11.52 -2.51
N ASP A 8 -8.07 10.70 -2.49
CA ASP A 8 -8.79 10.41 -1.24
C ASP A 8 -8.37 9.02 -0.67
N TRP A 9 -7.46 8.35 -1.35
CA TRP A 9 -7.01 7.01 -0.91
C TRP A 9 -5.57 7.11 -0.57
N ALA A 10 -5.33 7.61 0.64
CA ALA A 10 -3.98 7.66 1.19
C ALA A 10 -3.63 6.18 1.49
N PRO A 11 -2.33 5.85 1.50
CA PRO A 11 -2.00 4.43 1.73
C PRO A 11 -2.21 3.89 3.13
N THR A 12 -2.05 2.58 3.27
CA THR A 12 -2.15 1.92 4.59
C THR A 12 -0.75 1.50 5.09
N SER A 13 -0.42 1.78 6.34
CA SER A 13 0.89 1.44 6.87
C SER A 13 0.94 -0.08 6.99
N CYS A 14 2.09 -0.62 6.68
CA CYS A 14 2.27 -2.05 6.67
C CYS A 14 3.70 -2.40 7.16
N SER A 15 3.92 -3.71 7.35
CA SER A 15 5.24 -4.26 7.72
C SER A 15 5.58 -5.38 6.73
N GLN A 16 4.64 -5.83 5.95
CA GLN A 16 4.85 -6.87 4.92
C GLN A 16 3.88 -6.68 3.77
N ASP A 17 4.20 -7.32 2.64
CA ASP A 17 3.34 -7.28 1.45
C ASP A 17 1.98 -7.91 1.67
N SER A 18 1.91 -8.88 2.57
CA SER A 18 0.62 -9.59 2.84
C SER A 18 -0.35 -8.66 3.58
N ASP A 19 0.13 -7.53 4.10
CA ASP A 19 -0.78 -6.54 4.72
C ASP A 19 -1.56 -5.75 3.64
N CYS A 20 -1.14 -5.84 2.39
CA CYS A 20 -1.66 -4.98 1.36
C CYS A 20 -2.73 -5.60 0.43
N LEU A 21 -3.33 -4.78 -0.42
CA LEU A 21 -4.28 -5.27 -1.37
C LEU A 21 -3.56 -6.13 -2.44
N ALA A 22 -4.33 -6.85 -3.23
CA ALA A 22 -3.79 -7.73 -4.26
C ALA A 22 -2.85 -7.05 -5.27
N GLY A 23 -1.61 -7.54 -5.37
CA GLY A 23 -0.68 -7.04 -6.37
C GLY A 23 0.14 -5.85 -5.87
N CYS A 24 -0.25 -5.33 -4.70
CA CYS A 24 0.39 -4.21 -4.07
C CYS A 24 1.39 -4.75 -3.07
N VAL A 25 2.44 -4.00 -2.80
CA VAL A 25 3.55 -4.41 -1.92
C VAL A 25 3.75 -3.39 -0.80
N CYS A 26 4.51 -3.76 0.22
CA CYS A 26 4.81 -2.81 1.29
C CYS A 26 6.08 -2.05 0.80
N GLY A 27 5.93 -0.76 0.56
CA GLY A 27 6.98 0.05 -0.02
C GLY A 27 8.04 0.48 0.99
N PRO A 28 9.09 1.20 0.57
CA PRO A 28 10.12 1.59 1.52
C PRO A 28 9.74 2.76 2.43
N ASN A 29 8.62 3.38 2.05
CA ASN A 29 7.96 4.41 2.87
C ASN A 29 7.15 3.76 4.03
N GLY A 30 7.05 2.44 3.99
CA GLY A 30 6.41 1.70 5.06
C GLY A 30 4.93 1.62 4.93
N PHE A 31 4.52 1.89 3.70
CA PHE A 31 3.11 1.96 3.31
C PHE A 31 2.89 1.04 2.12
N CYS A 32 1.68 0.52 2.03
CA CYS A 32 1.27 -0.30 0.87
C CYS A 32 1.25 0.55 -0.41
N GLY A 33 1.51 -0.08 -1.53
CA GLY A 33 1.43 0.60 -2.83
C GLY A 33 1.47 -0.32 -3.99
N GLY A 1 -0.89 -0.57 -11.02
CA GLY A 1 -0.93 -0.05 -9.67
C GLY A 1 -2.16 -0.59 -8.96
N CYS A 2 -2.41 -0.15 -7.71
CA CYS A 2 -3.59 -0.59 -6.91
C CYS A 2 -4.12 0.62 -6.11
N PRO A 3 -5.36 0.61 -5.61
CA PRO A 3 -5.91 1.82 -4.95
C PRO A 3 -5.45 2.06 -3.50
N GLN A 4 -4.15 2.17 -3.32
CA GLN A 4 -3.55 2.59 -2.07
C GLN A 4 -2.67 3.78 -2.32
N GLY A 5 -2.71 4.31 -3.54
CA GLY A 5 -1.91 5.47 -3.89
C GLY A 5 -2.52 6.41 -4.89
N ARG A 6 -3.78 6.72 -4.68
CA ARG A 6 -4.51 7.62 -5.57
C ARG A 6 -4.70 8.94 -4.78
N GLY A 7 -5.63 9.80 -5.25
CA GLY A 7 -5.86 11.07 -4.58
C GLY A 7 -6.30 10.91 -3.15
N ASP A 8 -7.54 10.48 -2.92
CA ASP A 8 -8.06 10.32 -1.56
C ASP A 8 -7.94 8.84 -1.12
N TRP A 9 -7.23 8.04 -1.87
CA TRP A 9 -7.00 6.65 -1.49
C TRP A 9 -5.65 6.64 -0.81
N ALA A 10 -5.69 7.06 0.45
CA ALA A 10 -4.51 7.19 1.28
C ALA A 10 -4.01 5.75 1.58
N PRO A 11 -2.69 5.59 1.73
CA PRO A 11 -2.16 4.22 1.95
C PRO A 11 -2.37 3.63 3.34
N THR A 12 -2.05 2.34 3.45
CA THR A 12 -2.09 1.65 4.75
C THR A 12 -0.65 1.40 5.26
N SER A 13 -0.35 1.74 6.49
CA SER A 13 0.97 1.51 7.06
C SER A 13 1.09 0.01 7.20
N CYS A 14 2.19 -0.52 6.72
CA CYS A 14 2.38 -1.95 6.68
C CYS A 14 3.80 -2.34 7.14
N SER A 15 3.99 -3.65 7.26
CA SER A 15 5.31 -4.24 7.60
C SER A 15 5.58 -5.38 6.59
N GLN A 16 4.60 -5.83 5.86
CA GLN A 16 4.74 -6.95 4.91
C GLN A 16 3.74 -6.78 3.77
N ASP A 17 4.00 -7.48 2.67
CA ASP A 17 3.10 -7.43 1.49
C ASP A 17 1.72 -7.98 1.79
N SER A 18 1.65 -8.94 2.72
CA SER A 18 0.36 -9.57 3.07
C SER A 18 -0.60 -8.56 3.73
N ASP A 19 -0.07 -7.45 4.26
CA ASP A 19 -0.94 -6.42 4.83
C ASP A 19 -1.67 -5.66 3.69
N CYS A 20 -1.18 -5.76 2.47
CA CYS A 20 -1.65 -4.93 1.38
C CYS A 20 -2.60 -5.64 0.38
N LEU A 21 -3.11 -4.89 -0.59
CA LEU A 21 -3.93 -5.46 -1.61
C LEU A 21 -3.10 -6.25 -2.63
N ALA A 22 -3.76 -7.00 -3.47
CA ALA A 22 -3.09 -7.65 -4.57
C ALA A 22 -2.61 -6.60 -5.58
N GLY A 23 -1.38 -6.73 -6.07
CA GLY A 23 -0.85 -5.75 -7.02
C GLY A 23 -0.11 -4.61 -6.32
N CYS A 24 -0.26 -4.60 -4.97
CA CYS A 24 0.40 -3.65 -4.06
C CYS A 24 1.43 -4.47 -3.35
N VAL A 25 2.44 -3.80 -2.82
CA VAL A 25 3.49 -4.38 -1.95
C VAL A 25 3.68 -3.43 -0.81
N CYS A 26 4.45 -3.80 0.20
CA CYS A 26 4.79 -2.85 1.25
C CYS A 26 6.02 -2.06 0.73
N GLY A 27 5.83 -0.76 0.51
CA GLY A 27 6.87 0.06 -0.10
C GLY A 27 7.96 0.44 0.89
N PRO A 28 9.02 1.12 0.46
CA PRO A 28 10.09 1.45 1.39
C PRO A 28 9.77 2.60 2.34
N ASN A 29 8.71 3.30 1.98
CA ASN A 29 8.11 4.35 2.85
C ASN A 29 7.31 3.72 4.02
N GLY A 30 7.10 2.42 3.94
CA GLY A 30 6.48 1.68 5.02
C GLY A 30 4.98 1.64 4.90
N PHE A 31 4.55 1.91 3.70
CA PHE A 31 3.14 1.98 3.36
C PHE A 31 2.87 1.08 2.16
N CYS A 32 1.67 0.56 2.08
CA CYS A 32 1.22 -0.19 0.90
C CYS A 32 1.23 0.69 -0.34
N GLY A 33 1.52 0.11 -1.49
CA GLY A 33 1.46 0.84 -2.74
C GLY A 33 1.82 -0.02 -3.90
N GLY A 1 -1.46 -1.89 -10.57
CA GLY A 1 -1.60 -0.84 -9.59
C GLY A 1 -2.84 -1.09 -8.76
N CYS A 2 -3.03 -0.32 -7.64
CA CYS A 2 -4.22 -0.47 -6.77
C CYS A 2 -4.51 0.88 -6.09
N PRO A 3 -5.71 1.11 -5.53
CA PRO A 3 -6.01 2.46 -4.96
C PRO A 3 -5.38 2.74 -3.57
N GLN A 4 -4.08 2.59 -3.48
CA GLN A 4 -3.32 2.89 -2.29
C GLN A 4 -2.41 4.03 -2.64
N GLY A 5 -2.75 4.72 -3.71
CA GLY A 5 -1.97 5.90 -4.07
C GLY A 5 -2.65 6.92 -4.96
N ARG A 6 -3.91 7.14 -4.66
CA ARG A 6 -4.66 8.16 -5.37
C ARG A 6 -4.56 9.43 -4.54
N GLY A 7 -5.04 10.53 -5.14
CA GLY A 7 -5.04 11.79 -4.43
C GLY A 7 -5.65 11.70 -3.05
N ASP A 8 -6.88 11.23 -2.92
CA ASP A 8 -7.58 11.17 -1.62
C ASP A 8 -7.65 9.74 -1.05
N TRP A 9 -6.68 8.92 -1.43
CA TRP A 9 -6.65 7.53 -0.91
C TRP A 9 -5.35 7.40 -0.20
N ALA A 10 -5.37 7.79 1.06
CA ALA A 10 -4.17 7.74 1.89
C ALA A 10 -3.83 6.23 2.09
N PRO A 11 -2.52 5.90 1.99
CA PRO A 11 -2.18 4.47 2.08
C PRO A 11 -2.27 3.83 3.43
N THR A 12 -2.19 2.50 3.44
CA THR A 12 -2.18 1.74 4.71
C THR A 12 -0.74 1.44 5.17
N SER A 13 -0.39 1.72 6.41
CA SER A 13 0.94 1.48 6.93
C SER A 13 1.05 -0.03 7.09
N CYS A 14 2.16 -0.59 6.64
CA CYS A 14 2.31 -2.02 6.61
C CYS A 14 3.73 -2.42 7.09
N SER A 15 3.90 -3.70 7.30
CA SER A 15 5.21 -4.27 7.69
C SER A 15 5.55 -5.38 6.68
N GLN A 16 4.59 -5.86 5.92
CA GLN A 16 4.80 -6.91 4.92
C GLN A 16 3.82 -6.71 3.77
N ASP A 17 4.15 -7.31 2.62
CA ASP A 17 3.27 -7.30 1.43
C ASP A 17 1.93 -7.92 1.70
N SER A 18 1.88 -8.88 2.62
CA SER A 18 0.63 -9.57 2.93
C SER A 18 -0.33 -8.72 3.78
N ASP A 19 0.08 -7.50 4.13
CA ASP A 19 -0.84 -6.55 4.76
C ASP A 19 -1.58 -5.76 3.67
N CYS A 20 -1.17 -5.88 2.42
CA CYS A 20 -1.67 -5.03 1.36
C CYS A 20 -2.72 -5.66 0.41
N LEU A 21 -3.25 -4.86 -0.49
CA LEU A 21 -4.17 -5.36 -1.46
C LEU A 21 -3.46 -6.24 -2.48
N ALA A 22 -4.21 -7.04 -3.20
CA ALA A 22 -3.64 -7.95 -4.19
C ALA A 22 -2.79 -7.27 -5.27
N GLY A 23 -1.54 -7.72 -5.41
CA GLY A 23 -0.66 -7.20 -6.46
C GLY A 23 0.14 -5.98 -6.00
N CYS A 24 -0.20 -5.48 -4.80
CA CYS A 24 0.44 -4.33 -4.19
C CYS A 24 1.47 -4.84 -3.19
N VAL A 25 2.44 -4.03 -2.85
CA VAL A 25 3.58 -4.40 -1.96
C VAL A 25 3.70 -3.42 -0.83
N CYS A 26 4.49 -3.78 0.18
CA CYS A 26 4.82 -2.85 1.25
C CYS A 26 6.07 -2.09 0.76
N GLY A 27 5.93 -0.77 0.58
CA GLY A 27 6.98 0.03 -0.01
C GLY A 27 8.02 0.50 1.01
N PRO A 28 9.09 1.18 0.59
CA PRO A 28 10.09 1.64 1.52
C PRO A 28 9.67 2.84 2.36
N ASN A 29 8.59 3.45 1.90
CA ASN A 29 7.92 4.55 2.63
C ASN A 29 7.17 3.99 3.88
N GLY A 30 6.98 2.67 3.92
CA GLY A 30 6.40 2.02 5.08
C GLY A 30 4.92 1.80 4.96
N PHE A 31 4.46 1.99 3.73
CA PHE A 31 3.06 1.96 3.39
C PHE A 31 2.84 1.06 2.19
N CYS A 32 1.63 0.54 2.06
CA CYS A 32 1.23 -0.23 0.87
C CYS A 32 1.30 0.67 -0.36
N GLY A 33 1.59 0.05 -1.49
CA GLY A 33 1.67 0.76 -2.75
C GLY A 33 2.00 -0.19 -3.84
N GLY A 1 -1.95 -1.06 -11.08
CA GLY A 1 -1.76 -0.57 -9.72
C GLY A 1 -3.00 -0.87 -8.89
N CYS A 2 -3.10 -0.27 -7.67
CA CYS A 2 -4.28 -0.49 -6.81
C CYS A 2 -4.61 0.77 -6.01
N PRO A 3 -5.84 0.91 -5.47
CA PRO A 3 -6.19 2.17 -4.78
C PRO A 3 -5.56 2.34 -3.38
N GLN A 4 -4.26 2.54 -3.36
CA GLN A 4 -3.52 2.87 -2.15
C GLN A 4 -2.75 4.17 -2.36
N GLY A 5 -3.01 4.85 -3.45
CA GLY A 5 -2.32 6.13 -3.70
C GLY A 5 -3.02 7.09 -4.60
N ARG A 6 -4.27 7.31 -4.32
CA ARG A 6 -5.07 8.26 -5.07
C ARG A 6 -5.24 9.47 -4.17
N GLY A 7 -5.86 10.53 -4.72
CA GLY A 7 -6.04 11.76 -3.95
C GLY A 7 -6.47 11.55 -2.52
N ASP A 8 -7.62 10.94 -2.30
CA ASP A 8 -8.12 10.74 -0.91
C ASP A 8 -7.84 9.29 -0.42
N TRP A 9 -7.15 8.51 -1.24
CA TRP A 9 -6.81 7.13 -0.84
C TRP A 9 -5.40 7.18 -0.33
N ALA A 10 -5.32 7.61 0.93
CA ALA A 10 -4.04 7.64 1.64
C ALA A 10 -3.64 6.14 1.80
N PRO A 11 -2.33 5.87 1.78
CA PRO A 11 -1.98 4.43 1.87
C PRO A 11 -2.17 3.78 3.21
N THR A 12 -2.11 2.46 3.22
CA THR A 12 -2.24 1.69 4.45
C THR A 12 -0.83 1.37 5.04
N SER A 13 -0.56 1.70 6.29
CA SER A 13 0.72 1.45 6.90
C SER A 13 0.88 -0.07 7.00
N CYS A 14 2.05 -0.54 6.65
CA CYS A 14 2.29 -1.97 6.62
C CYS A 14 3.73 -2.31 7.07
N SER A 15 3.97 -3.61 7.22
CA SER A 15 5.32 -4.14 7.54
C SER A 15 5.63 -5.28 6.57
N GLN A 16 4.67 -5.79 5.84
CA GLN A 16 4.84 -6.88 4.87
C GLN A 16 3.84 -6.74 3.76
N ASP A 17 4.12 -7.36 2.63
CA ASP A 17 3.21 -7.34 1.45
C ASP A 17 1.85 -7.93 1.71
N SER A 18 1.80 -8.92 2.60
CA SER A 18 0.54 -9.57 2.91
C SER A 18 -0.45 -8.65 3.63
N ASP A 19 0.05 -7.54 4.16
CA ASP A 19 -0.84 -6.53 4.75
C ASP A 19 -1.60 -5.75 3.63
N CYS A 20 -1.11 -5.78 2.39
CA CYS A 20 -1.64 -4.92 1.35
C CYS A 20 -2.74 -5.58 0.46
N LEU A 21 -3.27 -4.82 -0.50
CA LEU A 21 -4.24 -5.35 -1.40
C LEU A 21 -3.53 -6.24 -2.45
N ALA A 22 -4.30 -6.99 -3.20
CA ALA A 22 -3.75 -7.91 -4.17
C ALA A 22 -2.86 -7.26 -5.24
N GLY A 23 -1.60 -7.71 -5.34
CA GLY A 23 -0.70 -7.21 -6.37
C GLY A 23 0.08 -5.97 -5.97
N CYS A 24 -0.27 -5.42 -4.79
CA CYS A 24 0.38 -4.26 -4.21
C CYS A 24 1.42 -4.83 -3.24
N VAL A 25 2.41 -4.04 -2.88
CA VAL A 25 3.51 -4.46 -1.99
C VAL A 25 3.69 -3.47 -0.86
N CYS A 26 4.49 -3.81 0.14
CA CYS A 26 4.79 -2.88 1.21
C CYS A 26 6.06 -2.10 0.78
N GLY A 27 5.90 -0.80 0.55
CA GLY A 27 6.97 0.00 0.00
C GLY A 27 8.00 0.47 1.04
N PRO A 28 9.10 1.13 0.63
CA PRO A 28 10.12 1.53 1.60
C PRO A 28 9.72 2.70 2.49
N ASN A 29 8.66 3.37 2.06
CA ASN A 29 8.05 4.49 2.81
C ASN A 29 7.23 3.96 4.03
N GLY A 30 7.08 2.65 4.10
CA GLY A 30 6.46 1.99 5.23
C GLY A 30 4.99 1.78 5.08
N PHE A 31 4.56 1.97 3.84
CA PHE A 31 3.17 1.94 3.45
C PHE A 31 2.95 1.06 2.24
N CYS A 32 1.75 0.55 2.11
CA CYS A 32 1.33 -0.24 0.93
C CYS A 32 1.36 0.64 -0.33
N GLY A 33 1.67 0.02 -1.44
CA GLY A 33 1.77 0.72 -2.70
C GLY A 33 2.33 -0.18 -3.75
N GLY A 1 -0.49 -1.23 -10.37
CA GLY A 1 -0.82 -0.35 -9.26
C GLY A 1 -2.14 -0.78 -8.63
N CYS A 2 -2.48 -0.26 -7.44
CA CYS A 2 -3.69 -0.64 -6.71
C CYS A 2 -4.20 0.58 -5.91
N PRO A 3 -5.43 0.60 -5.39
CA PRO A 3 -5.93 1.83 -4.72
C PRO A 3 -5.40 2.07 -3.28
N GLN A 4 -4.08 2.18 -3.21
CA GLN A 4 -3.36 2.52 -2.01
C GLN A 4 -2.40 3.62 -2.39
N GLY A 5 -2.68 4.28 -3.51
CA GLY A 5 -1.83 5.40 -3.93
C GLY A 5 -2.46 6.30 -4.94
N ARG A 6 -3.67 6.72 -4.64
CA ARG A 6 -4.42 7.59 -5.54
C ARG A 6 -4.72 8.91 -4.82
N GLY A 7 -5.60 9.72 -5.43
CA GLY A 7 -5.95 10.99 -4.82
C GLY A 7 -6.56 10.84 -3.44
N ASP A 8 -7.73 10.23 -3.34
CA ASP A 8 -8.43 10.09 -2.03
C ASP A 8 -8.25 8.64 -1.48
N TRP A 9 -7.17 7.99 -1.87
CA TRP A 9 -6.87 6.64 -1.38
C TRP A 9 -5.48 6.70 -0.87
N ALA A 10 -5.40 7.21 0.35
CA ALA A 10 -4.14 7.35 1.06
C ALA A 10 -3.65 5.90 1.34
N PRO A 11 -2.32 5.73 1.46
CA PRO A 11 -1.86 4.35 1.69
C PRO A 11 -2.08 3.81 3.07
N THR A 12 -1.86 2.52 3.25
CA THR A 12 -2.01 1.86 4.56
C THR A 12 -0.64 1.48 5.14
N SER A 13 -0.35 1.84 6.37
CA SER A 13 0.94 1.55 6.97
C SER A 13 1.02 0.02 7.10
N CYS A 14 2.13 -0.54 6.70
CA CYS A 14 2.27 -1.98 6.66
C CYS A 14 3.68 -2.40 7.16
N SER A 15 3.87 -3.72 7.23
CA SER A 15 5.17 -4.30 7.65
C SER A 15 5.55 -5.41 6.64
N GLN A 16 4.63 -5.87 5.84
CA GLN A 16 4.88 -6.91 4.84
C GLN A 16 3.86 -6.73 3.72
N ASP A 17 4.14 -7.34 2.57
CA ASP A 17 3.24 -7.27 1.39
C ASP A 17 1.88 -7.88 1.62
N SER A 18 1.80 -8.91 2.45
CA SER A 18 0.52 -9.59 2.71
C SER A 18 -0.46 -8.73 3.54
N ASP A 19 0.03 -7.62 4.10
CA ASP A 19 -0.86 -6.68 4.75
C ASP A 19 -1.63 -5.87 3.70
N CYS A 20 -1.18 -5.89 2.46
CA CYS A 20 -1.70 -5.03 1.44
C CYS A 20 -2.72 -5.68 0.48
N LEU A 21 -3.25 -4.88 -0.43
CA LEU A 21 -4.18 -5.38 -1.38
C LEU A 21 -3.51 -6.19 -2.49
N ALA A 22 -4.31 -6.88 -3.28
CA ALA A 22 -3.78 -7.61 -4.41
C ALA A 22 -2.97 -6.74 -5.37
N GLY A 23 -1.69 -7.07 -5.61
CA GLY A 23 -0.86 -6.35 -6.56
C GLY A 23 -0.08 -5.20 -5.92
N CYS A 24 -0.42 -4.88 -4.65
CA CYS A 24 0.27 -3.87 -3.87
C CYS A 24 1.38 -4.59 -3.15
N VAL A 25 2.41 -3.85 -2.77
CA VAL A 25 3.55 -4.33 -1.97
C VAL A 25 3.71 -3.34 -0.82
N CYS A 26 4.47 -3.72 0.20
CA CYS A 26 4.76 -2.80 1.28
C CYS A 26 6.03 -2.05 0.81
N GLY A 27 5.88 -0.75 0.58
CA GLY A 27 6.95 0.02 -0.02
C GLY A 27 8.04 0.48 0.97
N PRO A 28 9.08 1.19 0.51
CA PRO A 28 10.14 1.64 1.42
C PRO A 28 9.73 2.81 2.32
N ASN A 29 8.61 3.39 1.92
CA ASN A 29 7.92 4.41 2.71
C ASN A 29 7.17 3.80 3.94
N GLY A 30 7.10 2.47 3.98
CA GLY A 30 6.50 1.75 5.09
C GLY A 30 5.02 1.67 4.98
N PHE A 31 4.58 1.83 3.75
CA PHE A 31 3.17 1.93 3.41
C PHE A 31 2.88 1.08 2.19
N CYS A 32 1.68 0.53 2.13
CA CYS A 32 1.21 -0.22 0.96
C CYS A 32 1.18 0.67 -0.28
N GLY A 33 1.44 0.09 -1.43
CA GLY A 33 1.34 0.82 -2.68
C GLY A 33 1.71 -0.05 -3.82
N GLY A 1 -1.39 -0.82 -10.86
CA GLY A 1 -1.37 -0.28 -9.53
C GLY A 1 -2.67 -0.63 -8.81
N CYS A 2 -2.84 -0.18 -7.55
CA CYS A 2 -4.06 -0.45 -6.76
C CYS A 2 -4.44 0.82 -5.98
N PRO A 3 -5.67 0.95 -5.48
CA PRO A 3 -6.03 2.21 -4.77
C PRO A 3 -5.46 2.33 -3.34
N GLN A 4 -4.15 2.40 -3.28
CA GLN A 4 -3.41 2.73 -2.08
C GLN A 4 -2.54 3.89 -2.45
N GLY A 5 -2.94 4.59 -3.50
CA GLY A 5 -2.19 5.74 -3.94
C GLY A 5 -2.96 6.64 -4.86
N ARG A 6 -4.12 7.02 -4.37
CA ARG A 6 -5.01 7.86 -5.13
C ARG A 6 -5.37 9.04 -4.22
N GLY A 7 -5.91 10.11 -4.84
CA GLY A 7 -6.20 11.33 -4.10
C GLY A 7 -6.89 11.12 -2.78
N ASP A 8 -8.03 10.44 -2.73
CA ASP A 8 -8.75 10.22 -1.48
C ASP A 8 -8.44 8.80 -0.90
N TRP A 9 -7.36 8.19 -1.36
CA TRP A 9 -6.97 6.86 -0.87
C TRP A 9 -5.53 6.95 -0.41
N ALA A 10 -5.37 7.51 0.78
CA ALA A 10 -4.05 7.63 1.41
C ALA A 10 -3.64 6.15 1.68
N PRO A 11 -2.33 5.87 1.68
CA PRO A 11 -1.95 4.45 1.83
C PRO A 11 -2.14 3.83 3.20
N THR A 12 -1.99 2.51 3.26
CA THR A 12 -2.13 1.76 4.52
C THR A 12 -0.72 1.43 5.10
N SER A 13 -0.46 1.73 6.35
CA SER A 13 0.85 1.44 6.93
C SER A 13 0.96 -0.09 7.03
N CYS A 14 2.12 -0.59 6.68
CA CYS A 14 2.35 -2.02 6.64
C CYS A 14 3.77 -2.41 7.13
N SER A 15 3.97 -3.72 7.31
CA SER A 15 5.28 -4.29 7.69
C SER A 15 5.61 -5.42 6.67
N GLN A 16 4.64 -5.88 5.92
CA GLN A 16 4.81 -6.95 4.92
C GLN A 16 3.84 -6.74 3.78
N ASP A 17 4.12 -7.38 2.66
CA ASP A 17 3.25 -7.27 1.46
C ASP A 17 1.87 -7.85 1.70
N SER A 18 1.78 -8.83 2.60
CA SER A 18 0.49 -9.49 2.88
C SER A 18 -0.51 -8.50 3.53
N ASP A 19 -0.01 -7.41 4.10
CA ASP A 19 -0.90 -6.39 4.66
C ASP A 19 -1.64 -5.61 3.54
N CYS A 20 -1.16 -5.69 2.33
CA CYS A 20 -1.65 -4.87 1.25
C CYS A 20 -2.69 -5.58 0.35
N LEU A 21 -3.27 -4.82 -0.59
CA LEU A 21 -4.21 -5.40 -1.49
C LEU A 21 -3.49 -6.35 -2.46
N ALA A 22 -4.24 -7.14 -3.18
CA ALA A 22 -3.68 -8.09 -4.11
C ALA A 22 -2.80 -7.45 -5.19
N GLY A 23 -1.55 -7.91 -5.31
CA GLY A 23 -0.67 -7.42 -6.37
C GLY A 23 0.17 -6.20 -5.95
N CYS A 24 -0.19 -5.64 -4.78
CA CYS A 24 0.46 -4.46 -4.23
C CYS A 24 1.53 -4.95 -3.27
N VAL A 25 2.45 -4.08 -2.87
CA VAL A 25 3.58 -4.44 -1.97
C VAL A 25 3.70 -3.42 -0.86
N CYS A 26 4.45 -3.77 0.18
CA CYS A 26 4.75 -2.81 1.24
C CYS A 26 5.97 -2.02 0.72
N GLY A 27 5.80 -0.70 0.58
CA GLY A 27 6.83 0.12 -0.01
C GLY A 27 7.97 0.47 0.95
N PRO A 28 9.03 1.15 0.51
CA PRO A 28 10.13 1.47 1.41
C PRO A 28 9.82 2.59 2.41
N ASN A 29 8.74 3.29 2.12
CA ASN A 29 8.20 4.34 3.00
C ASN A 29 7.38 3.74 4.18
N GLY A 30 7.13 2.44 4.12
CA GLY A 30 6.45 1.73 5.19
C GLY A 30 4.98 1.67 5.03
N PHE A 31 4.57 1.96 3.80
CA PHE A 31 3.17 2.03 3.41
C PHE A 31 2.91 1.16 2.19
N CYS A 32 1.71 0.58 2.11
CA CYS A 32 1.27 -0.22 0.95
C CYS A 32 1.28 0.66 -0.31
N GLY A 33 1.57 0.01 -1.42
CA GLY A 33 1.60 0.68 -2.72
C GLY A 33 2.15 -0.21 -3.76
N GLY A 1 -1.45 -1.76 -10.94
CA GLY A 1 -1.46 -0.87 -9.79
C GLY A 1 -2.75 -1.05 -9.00
N CYS A 2 -2.87 -0.42 -7.81
CA CYS A 2 -4.10 -0.51 -7.00
C CYS A 2 -4.36 0.80 -6.25
N PRO A 3 -5.60 1.04 -5.80
CA PRO A 3 -5.88 2.35 -5.15
C PRO A 3 -5.35 2.48 -3.71
N GLN A 4 -4.06 2.63 -3.59
CA GLN A 4 -3.41 2.96 -2.33
C GLN A 4 -2.63 4.24 -2.50
N GLY A 5 -2.92 4.98 -3.57
CA GLY A 5 -2.26 6.28 -3.73
C GLY A 5 -3.04 7.35 -4.48
N ARG A 6 -4.33 7.36 -4.29
CA ARG A 6 -5.18 8.37 -4.91
C ARG A 6 -5.38 9.51 -3.90
N GLY A 7 -6.11 10.55 -4.33
CA GLY A 7 -6.42 11.63 -3.44
C GLY A 7 -7.12 11.17 -2.17
N ASP A 8 -8.22 10.44 -2.25
CA ASP A 8 -8.96 10.02 -1.03
C ASP A 8 -8.53 8.60 -0.60
N TRP A 9 -7.44 8.10 -1.15
CA TRP A 9 -6.97 6.76 -0.80
C TRP A 9 -5.57 6.93 -0.30
N ALA A 10 -5.51 7.33 0.95
CA ALA A 10 -4.24 7.48 1.66
C ALA A 10 -3.69 6.03 1.76
N PRO A 11 -2.37 5.87 1.75
CA PRO A 11 -1.91 4.46 1.81
C PRO A 11 -2.11 3.81 3.15
N THR A 12 -1.94 2.50 3.18
CA THR A 12 -2.11 1.70 4.40
C THR A 12 -0.72 1.36 5.00
N SER A 13 -0.47 1.69 6.26
CA SER A 13 0.82 1.41 6.87
C SER A 13 0.95 -0.09 6.96
N CYS A 14 2.14 -0.58 6.70
CA CYS A 14 2.36 -2.00 6.66
C CYS A 14 3.82 -2.36 7.08
N SER A 15 4.03 -3.67 7.22
CA SER A 15 5.38 -4.22 7.55
C SER A 15 5.67 -5.39 6.60
N GLN A 16 4.69 -5.86 5.87
CA GLN A 16 4.83 -7.00 4.95
C GLN A 16 3.85 -6.81 3.82
N ASP A 17 4.12 -7.44 2.68
CA ASP A 17 3.25 -7.32 1.50
C ASP A 17 1.88 -7.94 1.68
N SER A 18 1.75 -8.91 2.57
CA SER A 18 0.43 -9.54 2.80
C SER A 18 -0.50 -8.60 3.59
N ASP A 19 0.01 -7.49 4.13
CA ASP A 19 -0.86 -6.48 4.75
C ASP A 19 -1.63 -5.73 3.64
N CYS A 20 -1.19 -5.82 2.39
CA CYS A 20 -1.71 -4.97 1.34
C CYS A 20 -2.77 -5.62 0.40
N LEU A 21 -3.30 -4.85 -0.54
CA LEU A 21 -4.24 -5.40 -1.50
C LEU A 21 -3.51 -6.29 -2.51
N ALA A 22 -4.27 -7.05 -3.27
CA ALA A 22 -3.72 -7.99 -4.23
C ALA A 22 -2.89 -7.32 -5.36
N GLY A 23 -1.61 -7.66 -5.44
CA GLY A 23 -0.75 -7.15 -6.50
C GLY A 23 0.05 -5.93 -6.02
N CYS A 24 -0.25 -5.47 -4.78
CA CYS A 24 0.38 -4.32 -4.18
C CYS A 24 1.34 -4.81 -3.14
N VAL A 25 2.33 -4.01 -2.79
CA VAL A 25 3.42 -4.41 -1.87
C VAL A 25 3.63 -3.37 -0.80
N CYS A 26 4.40 -3.71 0.22
CA CYS A 26 4.76 -2.76 1.27
C CYS A 26 6.06 -2.06 0.83
N GLY A 27 5.97 -0.74 0.59
CA GLY A 27 7.10 -0.01 0.06
C GLY A 27 8.10 0.45 1.13
N PRO A 28 9.20 1.13 0.77
CA PRO A 28 10.20 1.54 1.75
C PRO A 28 9.77 2.73 2.62
N ASN A 29 8.70 3.37 2.15
CA ASN A 29 8.03 4.45 2.90
C ASN A 29 7.19 3.87 4.07
N GLY A 30 7.07 2.55 4.09
CA GLY A 30 6.40 1.85 5.18
C GLY A 30 4.92 1.74 4.98
N PHE A 31 4.56 1.99 3.75
CA PHE A 31 3.16 2.03 3.31
C PHE A 31 2.92 1.11 2.13
N CYS A 32 1.72 0.56 2.06
CA CYS A 32 1.28 -0.25 0.92
C CYS A 32 1.25 0.62 -0.34
N GLY A 33 1.50 0.02 -1.48
CA GLY A 33 1.47 0.74 -2.76
C GLY A 33 1.83 -0.11 -3.91
N GLY A 1 -2.00 -1.19 -10.81
CA GLY A 1 -2.04 -0.31 -9.66
C GLY A 1 -3.23 -0.68 -8.78
N CYS A 2 -3.37 -0.07 -7.58
CA CYS A 2 -4.49 -0.38 -6.66
C CYS A 2 -4.84 0.88 -5.83
N PRO A 3 -6.01 0.93 -5.16
CA PRO A 3 -6.39 2.18 -4.44
C PRO A 3 -5.66 2.44 -3.10
N GLN A 4 -4.35 2.51 -3.18
CA GLN A 4 -3.49 2.85 -2.06
C GLN A 4 -2.65 4.02 -2.46
N GLY A 5 -2.92 4.58 -3.63
CA GLY A 5 -2.16 5.75 -4.09
C GLY A 5 -2.90 6.65 -5.01
N ARG A 6 -4.02 7.17 -4.54
CA ARG A 6 -4.81 8.09 -5.33
C ARG A 6 -5.03 9.36 -4.48
N GLY A 7 -5.55 10.40 -5.15
CA GLY A 7 -5.75 11.69 -4.50
C GLY A 7 -6.24 11.64 -3.07
N ASP A 8 -7.37 11.03 -2.78
CA ASP A 8 -7.82 10.88 -1.38
C ASP A 8 -7.75 9.40 -0.94
N TRP A 9 -6.81 8.67 -1.49
CA TRP A 9 -6.58 7.27 -1.11
C TRP A 9 -5.15 7.24 -0.68
N ALA A 10 -4.96 7.73 0.53
CA ALA A 10 -3.64 7.72 1.17
C ALA A 10 -3.34 6.22 1.46
N PRO A 11 -2.04 5.86 1.48
CA PRO A 11 -1.74 4.44 1.67
C PRO A 11 -1.95 3.89 3.07
N THR A 12 -1.87 2.57 3.18
CA THR A 12 -2.04 1.90 4.48
C THR A 12 -0.67 1.52 5.08
N SER A 13 -0.44 1.83 6.34
CA SER A 13 0.81 1.50 7.00
C SER A 13 0.88 -0.02 7.10
N CYS A 14 2.01 -0.56 6.69
CA CYS A 14 2.21 -1.99 6.68
C CYS A 14 3.69 -2.30 7.09
N SER A 15 3.97 -3.61 7.19
CA SER A 15 5.34 -4.10 7.47
C SER A 15 5.69 -5.20 6.45
N GLN A 16 4.70 -5.77 5.79
CA GLN A 16 4.90 -6.87 4.84
C GLN A 16 3.94 -6.70 3.70
N ASP A 17 4.26 -7.30 2.57
CA ASP A 17 3.41 -7.23 1.37
C ASP A 17 2.06 -7.85 1.61
N SER A 18 1.98 -8.85 2.48
CA SER A 18 0.69 -9.53 2.76
C SER A 18 -0.28 -8.62 3.55
N ASP A 19 0.20 -7.51 4.11
CA ASP A 19 -0.71 -6.56 4.76
C ASP A 19 -1.49 -5.79 3.68
N CYS A 20 -1.03 -5.83 2.44
CA CYS A 20 -1.58 -4.97 1.40
C CYS A 20 -2.58 -5.67 0.44
N LEU A 21 -3.24 -4.88 -0.40
CA LEU A 21 -4.17 -5.42 -1.33
C LEU A 21 -3.45 -6.30 -2.37
N ALA A 22 -4.23 -7.08 -3.09
CA ALA A 22 -3.68 -8.01 -4.06
C ALA A 22 -2.89 -7.36 -5.20
N GLY A 23 -1.60 -7.71 -5.32
CA GLY A 23 -0.79 -7.21 -6.41
C GLY A 23 0.01 -5.95 -6.03
N CYS A 24 -0.29 -5.43 -4.82
CA CYS A 24 0.34 -4.26 -4.27
C CYS A 24 1.39 -4.79 -3.30
N VAL A 25 2.36 -3.97 -2.94
CA VAL A 25 3.48 -4.38 -2.03
C VAL A 25 3.62 -3.37 -0.91
N CYS A 26 4.37 -3.72 0.13
CA CYS A 26 4.67 -2.80 1.21
C CYS A 26 5.98 -2.09 0.82
N GLY A 27 5.91 -0.77 0.67
CA GLY A 27 7.04 -0.02 0.19
C GLY A 27 8.07 0.30 1.27
N PRO A 28 9.20 0.94 0.92
CA PRO A 28 10.21 1.24 1.94
C PRO A 28 9.82 2.37 2.90
N ASN A 29 8.85 3.15 2.45
CA ASN A 29 8.26 4.24 3.24
C ASN A 29 7.35 3.66 4.38
N GLY A 30 7.11 2.36 4.31
CA GLY A 30 6.35 1.68 5.35
C GLY A 30 4.88 1.57 5.05
N PHE A 31 4.57 1.79 3.80
CA PHE A 31 3.19 1.90 3.33
C PHE A 31 2.88 1.03 2.13
N CYS A 32 1.65 0.54 2.06
CA CYS A 32 1.14 -0.24 0.94
C CYS A 32 1.11 0.58 -0.34
N GLY A 33 1.40 -0.08 -1.44
CA GLY A 33 1.39 0.58 -2.75
C GLY A 33 2.29 -0.13 -3.69
N GLY A 1 -2.06 0.01 -11.03
CA GLY A 1 -1.79 -0.02 -9.63
C GLY A 1 -3.09 0.00 -8.84
N CYS A 2 -3.07 -0.45 -7.58
CA CYS A 2 -4.28 -0.47 -6.73
C CYS A 2 -4.53 0.86 -6.02
N PRO A 3 -5.75 1.12 -5.53
CA PRO A 3 -5.98 2.42 -4.88
C PRO A 3 -5.40 2.54 -3.46
N GLN A 4 -4.09 2.63 -3.40
CA GLN A 4 -3.35 2.89 -2.18
C GLN A 4 -2.56 4.15 -2.36
N GLY A 5 -2.65 4.72 -3.54
CA GLY A 5 -1.95 5.97 -3.80
C GLY A 5 -2.70 6.92 -4.68
N ARG A 6 -3.87 7.33 -4.23
CA ARG A 6 -4.70 8.22 -5.00
C ARG A 6 -5.18 9.37 -4.10
N GLY A 7 -5.66 10.44 -4.75
CA GLY A 7 -6.07 11.65 -4.03
C GLY A 7 -6.86 11.44 -2.75
N ASP A 8 -7.88 10.60 -2.75
CA ASP A 8 -8.68 10.37 -1.54
C ASP A 8 -8.37 8.95 -0.96
N TRP A 9 -7.24 8.39 -1.35
CA TRP A 9 -6.85 7.06 -0.89
C TRP A 9 -5.44 7.16 -0.40
N ALA A 10 -5.32 7.64 0.82
CA ALA A 10 -4.04 7.70 1.52
C ALA A 10 -3.67 6.21 1.80
N PRO A 11 -2.37 5.89 1.81
CA PRO A 11 -2.00 4.47 1.97
C PRO A 11 -2.18 3.84 3.31
N THR A 12 -2.06 2.52 3.32
CA THR A 12 -2.15 1.73 4.57
C THR A 12 -0.74 1.40 5.10
N SER A 13 -0.48 1.69 6.37
CA SER A 13 0.80 1.39 6.99
C SER A 13 0.91 -0.12 7.10
N CYS A 14 2.04 -0.64 6.68
CA CYS A 14 2.25 -2.08 6.65
C CYS A 14 3.67 -2.42 7.15
N SER A 15 3.87 -3.72 7.35
CA SER A 15 5.18 -4.24 7.78
C SER A 15 5.59 -5.31 6.77
N GLN A 16 4.66 -5.81 6.00
CA GLN A 16 4.92 -6.83 4.96
C GLN A 16 3.94 -6.70 3.83
N ASP A 17 4.28 -7.29 2.68
CA ASP A 17 3.38 -7.27 1.49
C ASP A 17 2.03 -7.86 1.77
N SER A 18 1.98 -8.86 2.66
CA SER A 18 0.70 -9.54 2.96
C SER A 18 -0.32 -8.57 3.61
N ASP A 19 0.15 -7.45 4.17
CA ASP A 19 -0.78 -6.43 4.68
C ASP A 19 -1.53 -5.66 3.57
N CYS A 20 -1.10 -5.78 2.32
CA CYS A 20 -1.61 -4.93 1.28
C CYS A 20 -2.67 -5.57 0.35
N LEU A 21 -3.24 -4.77 -0.52
CA LEU A 21 -4.19 -5.27 -1.47
C LEU A 21 -3.50 -6.20 -2.48
N ALA A 22 -4.28 -6.97 -3.19
CA ALA A 22 -3.77 -7.91 -4.16
C ALA A 22 -2.95 -7.25 -5.29
N GLY A 23 -1.69 -7.67 -5.45
CA GLY A 23 -0.85 -7.15 -6.52
C GLY A 23 -0.12 -5.87 -6.12
N CYS A 24 -0.24 -5.49 -4.82
CA CYS A 24 0.40 -4.34 -4.25
C CYS A 24 1.41 -4.86 -3.24
N VAL A 25 2.38 -4.05 -2.86
CA VAL A 25 3.47 -4.44 -1.94
C VAL A 25 3.61 -3.44 -0.81
N CYS A 26 4.41 -3.76 0.18
CA CYS A 26 4.72 -2.83 1.25
C CYS A 26 6.00 -2.09 0.80
N GLY A 27 5.86 -0.82 0.45
CA GLY A 27 6.94 -0.05 -0.13
C GLY A 27 7.97 0.44 0.89
N PRO A 28 9.07 1.09 0.47
CA PRO A 28 10.08 1.52 1.42
C PRO A 28 9.72 2.73 2.27
N ASN A 29 8.61 3.33 1.89
CA ASN A 29 7.99 4.43 2.66
C ASN A 29 7.24 3.86 3.91
N GLY A 30 7.11 2.53 3.96
CA GLY A 30 6.50 1.86 5.09
C GLY A 30 5.02 1.74 4.95
N PHE A 31 4.58 1.92 3.73
CA PHE A 31 3.17 1.95 3.37
C PHE A 31 2.92 1.10 2.14
N CYS A 32 1.71 0.57 2.05
CA CYS A 32 1.27 -0.18 0.88
C CYS A 32 1.32 0.69 -0.38
N GLY A 33 1.61 0.05 -1.49
CA GLY A 33 1.67 0.75 -2.78
C GLY A 33 2.14 -0.16 -3.85
N GLY A 1 -1.67 0.82 -10.68
CA GLY A 1 -1.44 0.14 -9.42
C GLY A 1 -2.77 -0.01 -8.68
N CYS A 2 -2.76 -0.56 -7.47
CA CYS A 2 -3.98 -0.69 -6.64
C CYS A 2 -4.32 0.62 -5.93
N PRO A 3 -5.56 0.84 -5.47
CA PRO A 3 -5.89 2.17 -4.89
C PRO A 3 -5.37 2.40 -3.46
N GLN A 4 -4.06 2.49 -3.35
CA GLN A 4 -3.35 2.82 -2.13
C GLN A 4 -2.53 4.05 -2.41
N GLY A 5 -2.88 4.77 -3.46
CA GLY A 5 -2.17 6.01 -3.77
C GLY A 5 -2.97 6.99 -4.58
N ARG A 6 -4.22 7.15 -4.20
CA ARG A 6 -5.11 8.04 -4.93
C ARG A 6 -5.27 9.32 -4.10
N GLY A 7 -6.10 10.24 -4.62
CA GLY A 7 -6.35 11.48 -3.91
C GLY A 7 -6.88 11.25 -2.51
N ASP A 8 -8.05 10.64 -2.36
CA ASP A 8 -8.63 10.41 -1.02
C ASP A 8 -8.27 8.98 -0.49
N TRP A 9 -7.38 8.29 -1.15
CA TRP A 9 -6.94 6.97 -0.69
C TRP A 9 -5.53 7.09 -0.25
N ALA A 10 -5.38 7.55 0.97
CA ALA A 10 -4.07 7.63 1.61
C ALA A 10 -3.64 6.15 1.81
N PRO A 11 -2.32 5.91 1.78
CA PRO A 11 -1.93 4.48 1.89
C PRO A 11 -2.09 3.85 3.26
N THR A 12 -2.05 2.53 3.29
CA THR A 12 -2.15 1.79 4.55
C THR A 12 -0.74 1.45 5.12
N SER A 13 -0.48 1.74 6.36
CA SER A 13 0.81 1.45 6.97
C SER A 13 0.91 -0.05 7.09
N CYS A 14 2.04 -0.58 6.66
CA CYS A 14 2.22 -2.00 6.60
C CYS A 14 3.65 -2.34 7.10
N SER A 15 3.90 -3.64 7.26
CA SER A 15 5.23 -4.15 7.62
C SER A 15 5.58 -5.25 6.61
N GLN A 16 4.63 -5.74 5.86
CA GLN A 16 4.88 -6.79 4.84
C GLN A 16 3.86 -6.67 3.73
N ASP A 17 4.14 -7.29 2.58
CA ASP A 17 3.22 -7.30 1.42
C ASP A 17 1.88 -7.88 1.75
N SER A 18 1.86 -8.86 2.67
CA SER A 18 0.57 -9.53 3.03
C SER A 18 -0.43 -8.57 3.73
N ASP A 19 0.07 -7.44 4.24
CA ASP A 19 -0.83 -6.46 4.83
C ASP A 19 -1.55 -5.64 3.72
N CYS A 20 -1.15 -5.78 2.47
CA CYS A 20 -1.64 -4.94 1.40
C CYS A 20 -2.68 -5.61 0.47
N LEU A 21 -3.17 -4.85 -0.51
CA LEU A 21 -4.06 -5.40 -1.47
C LEU A 21 -3.27 -6.24 -2.48
N ALA A 22 -3.98 -7.05 -3.23
CA ALA A 22 -3.34 -7.81 -4.28
C ALA A 22 -2.71 -6.88 -5.32
N GLY A 23 -1.46 -7.14 -5.70
CA GLY A 23 -0.79 -6.33 -6.71
C GLY A 23 -0.05 -5.15 -6.10
N CYS A 24 -0.24 -4.94 -4.77
CA CYS A 24 0.44 -3.92 -4.00
C CYS A 24 1.47 -4.63 -3.16
N VAL A 25 2.49 -3.90 -2.78
CA VAL A 25 3.59 -4.39 -1.95
C VAL A 25 3.77 -3.41 -0.81
N CYS A 26 4.50 -3.81 0.22
CA CYS A 26 4.81 -2.87 1.30
C CYS A 26 6.03 -2.10 0.81
N GLY A 27 5.82 -0.82 0.53
CA GLY A 27 6.86 0.00 -0.06
C GLY A 27 7.94 0.41 0.91
N PRO A 28 9.01 1.08 0.45
CA PRO A 28 10.10 1.46 1.34
C PRO A 28 9.78 2.64 2.26
N ASN A 29 8.70 3.32 1.89
CA ASN A 29 8.10 4.39 2.72
C ASN A 29 7.33 3.78 3.93
N GLY A 30 7.17 2.48 3.91
CA GLY A 30 6.56 1.78 5.01
C GLY A 30 5.07 1.65 4.92
N PHE A 31 4.61 1.77 3.69
CA PHE A 31 3.19 1.83 3.35
C PHE A 31 2.89 0.97 2.17
N CYS A 32 1.66 0.49 2.07
CA CYS A 32 1.19 -0.25 0.89
C CYS A 32 1.24 0.64 -0.33
N GLY A 33 1.61 0.08 -1.47
CA GLY A 33 1.65 0.83 -2.72
C GLY A 33 2.06 -0.03 -3.85
N GLY A 1 -2.15 1.85 -10.47
CA GLY A 1 -1.89 0.93 -9.38
C GLY A 1 -3.14 0.72 -8.54
N CYS A 2 -3.09 -0.10 -7.51
CA CYS A 2 -4.25 -0.36 -6.65
C CYS A 2 -4.63 0.86 -5.84
N PRO A 3 -5.84 0.92 -5.27
CA PRO A 3 -6.23 2.17 -4.55
C PRO A 3 -5.59 2.32 -3.15
N GLN A 4 -4.29 2.32 -3.10
CA GLN A 4 -3.52 2.61 -1.91
C GLN A 4 -2.61 3.73 -2.32
N GLY A 5 -2.92 4.37 -3.43
CA GLY A 5 -2.15 5.51 -3.88
C GLY A 5 -2.86 6.26 -4.96
N ARG A 6 -3.92 6.91 -4.56
CA ARG A 6 -4.72 7.72 -5.47
C ARG A 6 -5.05 9.01 -4.69
N GLY A 7 -5.47 10.04 -5.41
CA GLY A 7 -5.77 11.33 -4.79
C GLY A 7 -6.52 11.22 -3.47
N ASP A 8 -7.68 10.58 -3.42
CA ASP A 8 -8.45 10.48 -2.17
C ASP A 8 -8.18 9.11 -1.46
N TRP A 9 -7.15 8.39 -1.88
CA TRP A 9 -6.84 7.08 -1.27
C TRP A 9 -5.44 7.10 -0.79
N ALA A 10 -5.29 7.62 0.42
CA ALA A 10 -4.00 7.67 1.10
C ALA A 10 -3.62 6.20 1.43
N PRO A 11 -2.31 5.92 1.55
CA PRO A 11 -1.94 4.51 1.79
C PRO A 11 -2.14 3.99 3.17
N THR A 12 -1.97 2.68 3.32
CA THR A 12 -2.10 2.00 4.62
C THR A 12 -0.71 1.55 5.13
N SER A 13 -0.37 1.83 6.38
CA SER A 13 0.92 1.48 6.91
C SER A 13 0.94 -0.04 7.01
N CYS A 14 2.09 -0.58 6.67
CA CYS A 14 2.27 -2.02 6.65
C CYS A 14 3.70 -2.41 7.09
N SER A 15 3.92 -3.71 7.22
CA SER A 15 5.25 -4.25 7.61
C SER A 15 5.59 -5.40 6.64
N GLN A 16 4.65 -5.85 5.85
CA GLN A 16 4.85 -6.95 4.89
C GLN A 16 3.88 -6.74 3.74
N ASP A 17 4.16 -7.37 2.61
CA ASP A 17 3.29 -7.29 1.41
C ASP A 17 1.93 -7.88 1.67
N SER A 18 1.86 -8.90 2.55
CA SER A 18 0.54 -9.52 2.81
C SER A 18 -0.43 -8.57 3.54
N ASP A 19 0.10 -7.51 4.16
CA ASP A 19 -0.77 -6.51 4.79
C ASP A 19 -1.50 -5.71 3.70
N CYS A 20 -1.11 -5.83 2.45
CA CYS A 20 -1.63 -4.98 1.41
C CYS A 20 -2.67 -5.66 0.46
N LEU A 21 -3.26 -4.87 -0.42
CA LEU A 21 -4.20 -5.42 -1.34
C LEU A 21 -3.46 -6.25 -2.41
N ALA A 22 -4.21 -7.00 -3.16
CA ALA A 22 -3.63 -7.88 -4.20
C ALA A 22 -2.85 -7.15 -5.31
N GLY A 23 -1.56 -7.49 -5.45
CA GLY A 23 -0.76 -6.93 -6.53
C GLY A 23 0.05 -5.72 -6.04
N CYS A 24 -0.26 -5.28 -4.80
CA CYS A 24 0.40 -4.16 -4.16
C CYS A 24 1.45 -4.75 -3.27
N VAL A 25 2.40 -3.95 -2.84
CA VAL A 25 3.54 -4.37 -1.98
C VAL A 25 3.70 -3.38 -0.84
N CYS A 26 4.50 -3.71 0.17
CA CYS A 26 4.80 -2.77 1.24
C CYS A 26 6.06 -2.00 0.78
N GLY A 27 5.89 -0.70 0.55
CA GLY A 27 6.95 0.12 0.03
C GLY A 27 8.02 0.45 1.07
N PRO A 28 9.10 1.15 0.69
CA PRO A 28 10.17 1.42 1.66
C PRO A 28 9.82 2.54 2.67
N ASN A 29 8.77 3.26 2.31
CA ASN A 29 8.18 4.27 3.19
C ASN A 29 7.30 3.59 4.29
N GLY A 30 7.11 2.29 4.15
CA GLY A 30 6.40 1.51 5.15
C GLY A 30 4.91 1.52 4.96
N PHE A 31 4.54 1.84 3.76
CA PHE A 31 3.14 1.96 3.33
C PHE A 31 2.87 1.04 2.15
N CYS A 32 1.65 0.53 2.07
CA CYS A 32 1.22 -0.26 0.92
C CYS A 32 1.21 0.59 -0.34
N GLY A 33 1.47 -0.01 -1.48
CA GLY A 33 1.35 0.69 -2.75
C GLY A 33 1.56 -0.21 -3.92
N GLY A 1 -1.69 0.00 -10.73
CA GLY A 1 -1.75 0.77 -9.55
C GLY A 1 -3.03 0.55 -8.77
N CYS A 2 -2.94 -0.10 -7.61
CA CYS A 2 -4.12 -0.34 -6.76
C CYS A 2 -4.56 0.92 -6.01
N PRO A 3 -5.80 0.99 -5.51
CA PRO A 3 -6.21 2.24 -4.79
C PRO A 3 -5.63 2.41 -3.37
N GLN A 4 -4.34 2.66 -3.33
CA GLN A 4 -3.60 2.93 -2.12
C GLN A 4 -2.83 4.20 -2.42
N GLY A 5 -3.33 4.96 -3.37
CA GLY A 5 -2.68 6.23 -3.72
C GLY A 5 -3.56 7.12 -4.55
N ARG A 6 -4.75 7.34 -4.07
CA ARG A 6 -5.71 8.19 -4.76
C ARG A 6 -5.90 9.41 -3.88
N GLY A 7 -6.71 10.36 -4.38
CA GLY A 7 -6.98 11.56 -3.61
C GLY A 7 -7.41 11.27 -2.19
N ASP A 8 -8.47 10.50 -1.96
CA ASP A 8 -8.94 10.21 -0.60
C ASP A 8 -8.44 8.82 -0.08
N TRP A 9 -7.75 8.07 -0.93
CA TRP A 9 -7.26 6.73 -0.53
C TRP A 9 -5.83 6.90 -0.13
N ALA A 10 -5.66 7.35 1.11
CA ALA A 10 -4.34 7.48 1.69
C ALA A 10 -3.80 6.04 1.83
N PRO A 11 -2.46 5.88 1.73
CA PRO A 11 -1.96 4.48 1.80
C PRO A 11 -2.07 3.84 3.16
N THR A 12 -1.96 2.52 3.18
CA THR A 12 -2.05 1.76 4.44
C THR A 12 -0.66 1.42 5.02
N SER A 13 -0.41 1.74 6.28
CA SER A 13 0.87 1.46 6.89
C SER A 13 0.95 -0.05 7.05
N CYS A 14 2.09 -0.59 6.67
CA CYS A 14 2.30 -2.01 6.66
C CYS A 14 3.70 -2.39 7.17
N SER A 15 3.90 -3.72 7.29
CA SER A 15 5.22 -4.28 7.66
C SER A 15 5.57 -5.39 6.63
N GLN A 16 4.59 -5.91 5.94
CA GLN A 16 4.79 -6.95 4.91
C GLN A 16 3.80 -6.73 3.79
N ASP A 17 4.06 -7.35 2.64
CA ASP A 17 3.18 -7.25 1.47
C ASP A 17 1.82 -7.81 1.74
N SER A 18 1.77 -8.81 2.64
CA SER A 18 0.48 -9.47 2.97
C SER A 18 -0.50 -8.49 3.67
N ASP A 19 0.00 -7.39 4.24
CA ASP A 19 -0.90 -6.36 4.80
C ASP A 19 -1.65 -5.62 3.67
N CYS A 20 -1.15 -5.71 2.46
CA CYS A 20 -1.65 -4.92 1.38
C CYS A 20 -2.71 -5.61 0.46
N LEU A 21 -3.25 -4.87 -0.50
CA LEU A 21 -4.15 -5.45 -1.45
C LEU A 21 -3.37 -6.31 -2.47
N ALA A 22 -4.10 -7.07 -3.23
CA ALA A 22 -3.50 -7.92 -4.24
C ALA A 22 -2.77 -7.14 -5.33
N GLY A 23 -1.50 -7.47 -5.60
CA GLY A 23 -0.77 -6.82 -6.68
C GLY A 23 0.01 -5.62 -6.17
N CYS A 24 -0.17 -5.31 -4.86
CA CYS A 24 0.46 -4.20 -4.19
C CYS A 24 1.52 -4.79 -3.29
N VAL A 25 2.49 -4.00 -2.90
CA VAL A 25 3.62 -4.42 -2.02
C VAL A 25 3.77 -3.42 -0.89
N CYS A 26 4.50 -3.79 0.16
CA CYS A 26 4.79 -2.86 1.25
C CYS A 26 6.07 -2.12 0.81
N GLY A 27 5.95 -0.80 0.67
CA GLY A 27 7.03 -0.02 0.13
C GLY A 27 8.04 0.41 1.17
N PRO A 28 9.14 1.09 0.77
CA PRO A 28 10.16 1.50 1.74
C PRO A 28 9.76 2.72 2.57
N ASN A 29 8.71 3.37 2.10
CA ASN A 29 8.07 4.51 2.81
C ASN A 29 7.27 3.95 4.03
N GLY A 30 7.07 2.64 4.04
CA GLY A 30 6.44 1.97 5.16
C GLY A 30 4.98 1.78 4.94
N PHE A 31 4.59 1.96 3.69
CA PHE A 31 3.21 1.96 3.27
C PHE A 31 2.94 1.04 2.10
N CYS A 32 1.73 0.53 2.02
CA CYS A 32 1.28 -0.25 0.87
C CYS A 32 1.25 0.60 -0.40
N GLY A 33 1.56 0.00 -1.53
CA GLY A 33 1.54 0.73 -2.80
C GLY A 33 1.95 -0.15 -3.93
N GLY A 1 -2.10 0.99 -10.72
CA GLY A 1 -1.82 0.55 -9.38
C GLY A 1 -3.12 0.48 -8.57
N CYS A 2 -3.10 -0.14 -7.40
CA CYS A 2 -4.29 -0.29 -6.54
C CYS A 2 -4.69 1.00 -5.82
N PRO A 3 -5.93 1.09 -5.30
CA PRO A 3 -6.32 2.35 -4.62
C PRO A 3 -5.75 2.51 -3.19
N GLN A 4 -4.44 2.58 -3.12
CA GLN A 4 -3.69 2.88 -1.94
C GLN A 4 -2.85 4.07 -2.29
N GLY A 5 -3.34 4.85 -3.25
CA GLY A 5 -2.62 6.03 -3.64
C GLY A 5 -3.39 6.94 -4.56
N ARG A 6 -4.54 7.34 -4.08
CA ARG A 6 -5.40 8.25 -4.83
C ARG A 6 -5.65 9.46 -3.93
N GLY A 7 -6.30 10.49 -4.49
CA GLY A 7 -6.58 11.69 -3.73
C GLY A 7 -7.19 11.45 -2.36
N ASP A 8 -8.24 10.64 -2.27
CA ASP A 8 -8.89 10.38 -0.97
C ASP A 8 -8.50 8.96 -0.45
N TRP A 9 -7.49 8.36 -1.05
CA TRP A 9 -7.09 7.00 -0.64
C TRP A 9 -5.64 7.09 -0.24
N ALA A 10 -5.44 7.52 0.99
CA ALA A 10 -4.11 7.60 1.59
C ALA A 10 -3.67 6.12 1.82
N PRO A 11 -2.36 5.85 1.75
CA PRO A 11 -1.95 4.45 1.91
C PRO A 11 -2.04 3.88 3.30
N THR A 12 -1.97 2.56 3.40
CA THR A 12 -2.04 1.87 4.68
C THR A 12 -0.62 1.52 5.20
N SER A 13 -0.33 1.84 6.45
CA SER A 13 0.96 1.50 7.04
C SER A 13 1.02 -0.02 7.15
N CYS A 14 2.12 -0.54 6.68
CA CYS A 14 2.31 -1.96 6.64
C CYS A 14 3.72 -2.35 7.12
N SER A 15 3.92 -3.66 7.27
CA SER A 15 5.25 -4.22 7.61
C SER A 15 5.55 -5.30 6.56
N GLN A 16 4.56 -5.84 5.90
CA GLN A 16 4.73 -6.95 4.94
C GLN A 16 3.74 -6.81 3.80
N ASP A 17 4.02 -7.49 2.71
CA ASP A 17 3.17 -7.41 1.48
C ASP A 17 1.78 -8.01 1.69
N SER A 18 1.60 -8.95 2.61
CA SER A 18 0.27 -9.51 2.83
C SER A 18 -0.63 -8.51 3.57
N ASP A 19 -0.06 -7.43 4.13
CA ASP A 19 -0.91 -6.36 4.67
C ASP A 19 -1.59 -5.60 3.51
N CYS A 20 -1.04 -5.71 2.31
CA CYS A 20 -1.52 -4.94 1.19
C CYS A 20 -2.52 -5.68 0.26
N LEU A 21 -3.13 -4.93 -0.63
CA LEU A 21 -4.05 -5.52 -1.54
C LEU A 21 -3.31 -6.37 -2.56
N ALA A 22 -4.02 -7.15 -3.33
CA ALA A 22 -3.42 -8.03 -4.32
C ALA A 22 -2.56 -7.29 -5.36
N GLY A 23 -1.29 -7.69 -5.50
CA GLY A 23 -0.44 -7.11 -6.52
C GLY A 23 0.33 -5.87 -6.02
N CYS A 24 -0.04 -5.38 -4.83
CA CYS A 24 0.57 -4.25 -4.20
C CYS A 24 1.53 -4.80 -3.18
N VAL A 25 2.54 -4.03 -2.80
CA VAL A 25 3.61 -4.45 -1.87
C VAL A 25 3.75 -3.44 -0.77
N CYS A 26 4.49 -3.79 0.27
CA CYS A 26 4.80 -2.84 1.33
C CYS A 26 6.07 -2.08 0.86
N GLY A 27 5.92 -0.79 0.60
CA GLY A 27 6.99 -0.01 -0.01
C GLY A 27 8.05 0.48 0.98
N PRO A 28 9.08 1.21 0.54
CA PRO A 28 10.14 1.67 1.45
C PRO A 28 9.72 2.82 2.38
N ASN A 29 8.59 3.42 2.03
CA ASN A 29 7.95 4.47 2.86
C ASN A 29 7.15 3.82 4.03
N GLY A 30 7.05 2.49 3.99
CA GLY A 30 6.42 1.74 5.06
C GLY A 30 4.94 1.66 4.91
N PHE A 31 4.53 1.90 3.68
CA PHE A 31 3.13 1.96 3.31
C PHE A 31 2.87 1.09 2.10
N CYS A 32 1.68 0.54 2.00
CA CYS A 32 1.24 -0.24 0.84
C CYS A 32 1.21 0.60 -0.45
N GLY A 33 1.51 -0.04 -1.56
CA GLY A 33 1.35 0.57 -2.88
C GLY A 33 1.63 -0.41 -3.96
N GLY A 1 -1.49 0.43 -10.76
CA GLY A 1 -1.50 0.81 -9.38
C GLY A 1 -2.81 0.39 -8.73
N CYS A 2 -2.80 0.14 -7.42
CA CYS A 2 -4.04 -0.19 -6.66
C CYS A 2 -4.44 1.04 -5.84
N PRO A 3 -5.66 1.11 -5.26
CA PRO A 3 -6.03 2.37 -4.55
C PRO A 3 -5.39 2.55 -3.17
N GLN A 4 -4.08 2.65 -3.17
CA GLN A 4 -3.28 2.95 -2.01
C GLN A 4 -2.45 4.17 -2.39
N GLY A 5 -2.79 4.77 -3.52
CA GLY A 5 -2.07 5.97 -3.96
C GLY A 5 -2.86 6.90 -4.84
N ARG A 6 -4.09 7.13 -4.45
CA ARG A 6 -4.96 8.02 -5.19
C ARG A 6 -5.01 9.30 -4.35
N GLY A 7 -5.68 10.32 -4.90
CA GLY A 7 -5.76 11.58 -4.19
C GLY A 7 -6.39 11.46 -2.81
N ASP A 8 -7.57 10.85 -2.70
CA ASP A 8 -8.25 10.73 -1.40
C ASP A 8 -7.99 9.35 -0.74
N TRP A 9 -7.19 8.52 -1.39
CA TRP A 9 -6.87 7.20 -0.84
C TRP A 9 -5.47 7.28 -0.36
N ALA A 10 -5.33 7.69 0.89
CA ALA A 10 -4.04 7.73 1.55
C ALA A 10 -3.65 6.22 1.71
N PRO A 11 -2.33 5.95 1.68
CA PRO A 11 -1.94 4.53 1.82
C PRO A 11 -2.15 3.88 3.17
N THR A 12 -2.02 2.56 3.22
CA THR A 12 -2.14 1.80 4.47
C THR A 12 -0.75 1.43 5.05
N SER A 13 -0.50 1.72 6.30
CA SER A 13 0.79 1.42 6.91
C SER A 13 0.88 -0.09 7.01
N CYS A 14 2.03 -0.60 6.62
CA CYS A 14 2.24 -2.03 6.58
C CYS A 14 3.68 -2.35 7.03
N SER A 15 3.94 -3.64 7.21
CA SER A 15 5.30 -4.11 7.57
C SER A 15 5.65 -5.28 6.61
N GLN A 16 4.68 -5.80 5.88
CA GLN A 16 4.89 -6.87 4.89
C GLN A 16 3.88 -6.71 3.78
N ASP A 17 4.19 -7.31 2.64
CA ASP A 17 3.29 -7.25 1.45
C ASP A 17 1.96 -7.89 1.74
N SER A 18 1.94 -8.91 2.63
CA SER A 18 0.67 -9.61 2.92
C SER A 18 -0.34 -8.70 3.70
N ASP A 19 0.14 -7.57 4.23
CA ASP A 19 -0.76 -6.62 4.88
C ASP A 19 -1.52 -5.78 3.80
N CYS A 20 -1.14 -5.90 2.54
CA CYS A 20 -1.67 -5.04 1.50
C CYS A 20 -2.73 -5.68 0.55
N LEU A 21 -3.33 -4.84 -0.28
CA LEU A 21 -4.27 -5.33 -1.24
C LEU A 21 -3.57 -6.17 -2.32
N ALA A 22 -4.36 -6.85 -3.12
CA ALA A 22 -3.83 -7.74 -4.15
C ALA A 22 -3.00 -7.03 -5.20
N GLY A 23 -1.76 -7.47 -5.40
CA GLY A 23 -0.89 -6.92 -6.44
C GLY A 23 -0.03 -5.75 -5.94
N CYS A 24 -0.39 -5.24 -4.74
CA CYS A 24 0.30 -4.17 -4.08
C CYS A 24 1.38 -4.81 -3.22
N VAL A 25 2.36 -4.02 -2.85
CA VAL A 25 3.51 -4.45 -1.98
C VAL A 25 3.64 -3.46 -0.86
N CYS A 26 4.49 -3.77 0.10
CA CYS A 26 4.80 -2.81 1.18
C CYS A 26 6.08 -2.06 0.72
N GLY A 27 5.99 -0.73 0.66
CA GLY A 27 7.10 0.08 0.16
C GLY A 27 8.11 0.49 1.22
N PRO A 28 9.19 1.20 0.85
CA PRO A 28 10.20 1.59 1.84
C PRO A 28 9.79 2.79 2.67
N ASN A 29 8.68 3.37 2.26
CA ASN A 29 7.99 4.43 3.03
C ASN A 29 7.14 3.81 4.19
N GLY A 30 7.02 2.49 4.16
CA GLY A 30 6.35 1.78 5.23
C GLY A 30 4.89 1.64 5.02
N PHE A 31 4.50 1.87 3.79
CA PHE A 31 3.12 1.91 3.35
C PHE A 31 2.89 1.00 2.15
N CYS A 32 1.67 0.52 2.00
CA CYS A 32 1.26 -0.24 0.82
C CYS A 32 1.40 0.62 -0.44
N GLY A 33 1.66 -0.01 -1.56
CA GLY A 33 1.78 0.68 -2.82
C GLY A 33 2.04 -0.24 -3.96
N GLY A 1 -0.69 -1.54 -10.03
CA GLY A 1 -1.13 -0.49 -9.17
C GLY A 1 -2.51 -0.82 -8.58
N CYS A 2 -2.86 -0.20 -7.43
CA CYS A 2 -4.16 -0.45 -6.75
C CYS A 2 -4.54 0.80 -5.97
N PRO A 3 -5.80 0.95 -5.52
CA PRO A 3 -6.19 2.20 -4.83
C PRO A 3 -5.65 2.38 -3.37
N GLN A 4 -4.33 2.46 -3.28
CA GLN A 4 -3.63 2.74 -2.05
C GLN A 4 -2.87 4.02 -2.23
N GLY A 5 -3.08 4.66 -3.36
CA GLY A 5 -2.38 5.93 -3.63
C GLY A 5 -3.08 6.87 -4.57
N ARG A 6 -4.36 6.97 -4.39
CA ARG A 6 -5.15 7.86 -5.21
C ARG A 6 -5.31 9.12 -4.37
N GLY A 7 -5.80 10.18 -5.03
CA GLY A 7 -6.00 11.44 -4.34
C GLY A 7 -6.59 11.34 -2.95
N ASP A 8 -7.75 10.72 -2.80
CA ASP A 8 -8.39 10.56 -1.47
C ASP A 8 -8.16 9.15 -0.88
N TRP A 9 -7.23 8.40 -1.43
CA TRP A 9 -6.93 7.05 -0.90
C TRP A 9 -5.54 7.10 -0.38
N ALA A 10 -5.44 7.58 0.85
CA ALA A 10 -4.17 7.65 1.57
C ALA A 10 -3.72 6.17 1.82
N PRO A 11 -2.41 5.92 1.83
CA PRO A 11 -2.03 4.50 1.96
C PRO A 11 -2.18 3.89 3.32
N THR A 12 -2.01 2.59 3.41
CA THR A 12 -2.09 1.86 4.68
C THR A 12 -0.69 1.45 5.19
N SER A 13 -0.36 1.71 6.43
CA SER A 13 0.94 1.37 6.97
C SER A 13 0.96 -0.13 7.05
N CYS A 14 2.10 -0.67 6.70
CA CYS A 14 2.26 -2.10 6.62
C CYS A 14 3.69 -2.48 7.12
N SER A 15 3.90 -3.77 7.30
CA SER A 15 5.21 -4.33 7.65
C SER A 15 5.50 -5.53 6.74
N GLN A 16 4.54 -5.96 5.98
CA GLN A 16 4.71 -7.05 5.00
C GLN A 16 3.76 -6.81 3.84
N ASP A 17 4.07 -7.43 2.71
CA ASP A 17 3.23 -7.32 1.50
C ASP A 17 1.85 -7.89 1.73
N SER A 18 1.74 -8.91 2.59
CA SER A 18 0.44 -9.54 2.88
C SER A 18 -0.55 -8.54 3.56
N ASP A 19 -0.03 -7.48 4.17
CA ASP A 19 -0.92 -6.46 4.76
C ASP A 19 -1.61 -5.61 3.66
N CYS A 20 -1.19 -5.74 2.41
CA CYS A 20 -1.67 -4.88 1.35
C CYS A 20 -2.73 -5.54 0.42
N LEU A 21 -3.21 -4.80 -0.58
CA LEU A 21 -4.14 -5.36 -1.53
C LEU A 21 -3.35 -6.25 -2.50
N ALA A 22 -4.06 -7.06 -3.25
CA ALA A 22 -3.41 -7.99 -4.20
C ALA A 22 -2.70 -7.26 -5.34
N GLY A 23 -1.42 -7.59 -5.58
CA GLY A 23 -0.67 -7.00 -6.66
C GLY A 23 0.03 -5.71 -6.22
N CYS A 24 -0.08 -5.43 -4.89
CA CYS A 24 0.54 -4.29 -4.26
C CYS A 24 1.51 -4.82 -3.22
N VAL A 25 2.52 -4.05 -2.86
CA VAL A 25 3.58 -4.47 -1.94
C VAL A 25 3.78 -3.40 -0.85
N CYS A 26 4.51 -3.75 0.21
CA CYS A 26 4.81 -2.81 1.27
C CYS A 26 6.09 -2.06 0.82
N GLY A 27 5.93 -0.78 0.50
CA GLY A 27 7.01 -0.02 -0.12
C GLY A 27 7.98 0.59 0.90
N PRO A 28 9.04 1.29 0.45
CA PRO A 28 9.99 1.88 1.38
C PRO A 28 9.50 3.11 2.13
N ASN A 29 8.36 3.60 1.67
CA ASN A 29 7.62 4.64 2.38
C ASN A 29 7.00 4.08 3.71
N GLY A 30 6.98 2.76 3.78
CA GLY A 30 6.51 2.09 4.98
C GLY A 30 5.03 1.91 4.91
N PHE A 31 4.57 2.01 3.68
CA PHE A 31 3.17 2.06 3.34
C PHE A 31 2.93 1.16 2.14
N CYS A 32 1.74 0.59 2.06
CA CYS A 32 1.32 -0.21 0.89
C CYS A 32 1.31 0.65 -0.37
N GLY A 33 1.58 0.02 -1.50
CA GLY A 33 1.47 0.69 -2.80
C GLY A 33 1.60 -0.27 -3.93
#